data_5XGQ
#
_entry.id   5XGQ
#
_cell.length_a   49.983
_cell.length_b   72.727
_cell.length_c   78.376
_cell.angle_alpha   98.90
_cell.angle_beta   90.05
_cell.angle_gamma   98.47
#
_symmetry.space_group_name_H-M   'P 1'
#
loop_
_entity.id
_entity.type
_entity.pdbx_description
1 polymer 'Methionine-tRNA ligase'
2 water water
#
_entity_poly.entity_id   1
_entity_poly.type   'polypeptide(L)'
_entity_poly.pdbx_seq_one_letter_code
;MGHHHHHHMKPYYVTTAIAYPNAAPHVGHAYEYIATDAIARFKRLDRYDVRFLTGTDEHGLKVAQAAAAAGVPTAALARR
NSDVFQRMQEALNISFDRFIRTTDADHHEASKELWRRMSAAGDIYLDNYSGWYSVRDERFFVESETQLVDGTRLTVETGT
PVTWTEEQTYFFRLSAYTDKLLAHYHANPDFIAPETRRNEVISFVSGGLDDLSISRTSFDWGVQVPEHPDHVMYVWVDAL
TNYLTGAGFPDTDSELFRRYWPADLHMIGKDIIRFHAVYWPAFLMSAGIELPRRIFAHGFLHNRGEKMSKSVGNIVDPVA
LAEALGVDQVRYFLLREVPFGQDGSYSDEAIVTRINTDLANELGNLAQRSLSMVAKNLDGRVPNPGEFADADAALLATAD
GLLERVRGHFDAQAMHLALEAIWLMLGDANKYFSVQQPWVLRKSESEADQARFRTTLYVTCEVVRIAALLIQPVMPESAG
KILDLLGQAPNQRSFAAVGVRLTPGTALPPPTGVFPRYQPPQPPEGKRSHHHHHH
;
_entity_poly.pdbx_strand_id   B,A
#
# COMPACT_ATOMS: atom_id res chain seq x y z
N HIS A 4 10.84 12.79 11.07
CA HIS A 4 9.73 13.50 10.46
C HIS A 4 8.69 12.51 9.96
N HIS A 5 8.26 11.62 10.86
CA HIS A 5 7.24 10.62 10.57
C HIS A 5 6.09 10.84 11.53
N HIS A 6 5.04 11.52 11.06
CA HIS A 6 3.85 11.77 11.85
C HIS A 6 2.65 10.94 11.39
N HIS A 7 2.86 9.98 10.48
CA HIS A 7 1.80 9.13 9.94
C HIS A 7 2.40 7.78 9.56
N HIS A 8 1.59 6.70 9.69
CA HIS A 8 2.02 5.33 9.40
C HIS A 8 1.06 4.60 8.46
N MET A 9 -0.25 4.69 8.70
CA MET A 9 -1.27 3.97 7.95
C MET A 9 -1.53 4.59 6.58
N LYS A 10 -2.06 3.78 5.68
CA LYS A 10 -2.44 4.23 4.35
C LYS A 10 -3.48 5.34 4.43
N PRO A 11 -3.28 6.47 3.74
CA PRO A 11 -4.25 7.57 3.84
C PRO A 11 -5.54 7.29 3.09
N TYR A 12 -6.60 7.99 3.52
CA TYR A 12 -7.92 7.86 2.92
C TYR A 12 -8.58 9.24 3.00
N TYR A 13 -8.79 9.86 1.85
CA TYR A 13 -9.31 11.22 1.76
C TYR A 13 -10.73 11.15 1.22
N VAL A 14 -11.71 11.58 2.03
CA VAL A 14 -13.12 11.48 1.70
C VAL A 14 -13.77 12.84 1.98
N THR A 15 -14.63 13.27 1.06
CA THR A 15 -15.25 14.59 1.15
C THR A 15 -16.77 14.47 1.07
N THR A 16 -17.44 15.41 1.75
CA THR A 16 -18.85 15.65 1.51
C THR A 16 -18.99 16.76 0.46
N ALA A 17 -20.23 16.98 0.04
CA ALA A 17 -20.46 17.73 -1.20
C ALA A 17 -20.30 19.23 -1.00
N ILE A 18 -19.89 19.90 -2.08
CA ILE A 18 -20.02 21.36 -2.17
C ILE A 18 -21.50 21.76 -2.01
N ALA A 19 -21.70 23.03 -1.65
CA ALA A 19 -23.03 23.50 -1.28
C ALA A 19 -23.95 23.69 -2.49
N TYR A 20 -23.40 24.11 -3.61
CA TYR A 20 -24.16 24.41 -4.82
C TYR A 20 -25.13 23.27 -5.18
N PRO A 21 -26.33 23.59 -5.71
CA PRO A 21 -26.87 24.92 -6.06
C PRO A 21 -27.43 25.73 -4.89
N ASN A 22 -27.22 25.32 -3.65
CA ASN A 22 -27.63 26.10 -2.48
C ASN A 22 -26.52 27.08 -2.10
N ALA A 23 -26.85 28.36 -1.85
CA ALA A 23 -25.83 29.29 -1.38
C ALA A 23 -25.36 28.96 0.02
N ALA A 24 -26.20 28.32 0.78
CA ALA A 24 -25.84 28.01 2.14
C ALA A 24 -25.31 26.60 2.22
N PRO A 25 -24.17 26.40 2.84
CA PRO A 25 -23.69 25.04 3.06
C PRO A 25 -24.47 24.34 4.16
N HIS A 26 -24.26 23.03 4.23
CA HIS A 26 -24.68 22.17 5.33
C HIS A 26 -26.18 21.91 5.38
N VAL A 27 -27.00 22.94 5.13
CA VAL A 27 -28.45 22.76 5.23
C VAL A 27 -28.89 21.70 4.24
N GLY A 28 -29.68 20.74 4.73
CA GLY A 28 -30.12 19.63 3.92
C GLY A 28 -29.11 18.52 3.75
N HIS A 29 -27.92 18.62 4.34
CA HIS A 29 -26.86 17.64 4.17
C HIS A 29 -26.68 16.72 5.38
N ALA A 30 -27.60 16.75 6.34
CA ALA A 30 -27.44 15.93 7.54
C ALA A 30 -27.34 14.44 7.19
N TYR A 31 -28.22 13.96 6.30
CA TYR A 31 -28.18 12.56 5.90
C TYR A 31 -26.84 12.22 5.25
N GLU A 32 -26.40 13.06 4.31
CA GLU A 32 -25.10 12.88 3.68
C GLU A 32 -23.96 12.90 4.71
N TYR A 33 -24.04 13.77 5.71
CA TYR A 33 -22.97 13.86 6.70
C TYR A 33 -22.94 12.62 7.60
N ILE A 34 -24.11 12.11 7.98
CA ILE A 34 -24.16 10.91 8.82
C ILE A 34 -23.56 9.73 8.09
N ALA A 35 -23.89 9.56 6.81
CA ALA A 35 -23.40 8.42 6.04
C ALA A 35 -21.89 8.50 5.85
N THR A 36 -21.39 9.67 5.42
CA THR A 36 -19.96 9.84 5.22
C THR A 36 -19.17 9.74 6.53
N ASP A 37 -19.74 10.23 7.64
CA ASP A 37 -19.07 10.09 8.93
C ASP A 37 -18.90 8.62 9.30
N ALA A 38 -19.92 7.80 9.06
CA ALA A 38 -19.80 6.37 9.34
C ALA A 38 -18.70 5.74 8.50
N ILE A 39 -18.61 6.14 7.22
CA ILE A 39 -17.55 5.63 6.36
C ILE A 39 -16.18 6.03 6.89
N ALA A 40 -16.06 7.29 7.31
CA ALA A 40 -14.77 7.76 7.84
C ALA A 40 -14.43 7.06 9.15
N ARG A 41 -15.41 6.90 10.05
CA ARG A 41 -15.13 6.23 11.31
C ARG A 41 -14.74 4.77 11.09
N PHE A 42 -15.37 4.11 10.10
CA PHE A 42 -14.97 2.74 9.79
C PHE A 42 -13.53 2.68 9.30
N LYS A 43 -13.15 3.61 8.43
CA LYS A 43 -11.77 3.61 7.93
C LYS A 43 -10.78 3.89 9.05
N ARG A 44 -11.12 4.80 9.98
CA ARG A 44 -10.23 5.06 11.12
C ARG A 44 -10.04 3.81 11.96
N LEU A 45 -11.09 3.02 12.14
CA LEU A 45 -10.98 1.81 12.95
C LEU A 45 -10.28 0.68 12.21
N ASP A 46 -10.13 0.80 10.89
CA ASP A 46 -9.53 -0.24 10.05
C ASP A 46 -8.11 0.13 9.62
N ARG A 47 -7.42 0.96 10.42
CA ARG A 47 -6.00 1.28 10.23
C ARG A 47 -5.76 2.12 8.97
N TYR A 48 -6.60 3.13 8.78
CA TYR A 48 -6.37 4.13 7.74
C TYR A 48 -6.12 5.48 8.39
N ASP A 49 -5.27 6.27 7.74
CA ASP A 49 -5.10 7.68 8.10
C ASP A 49 -6.16 8.47 7.36
N VAL A 50 -7.26 8.76 8.03
CA VAL A 50 -8.44 9.34 7.38
C VAL A 50 -8.35 10.86 7.41
N ARG A 51 -8.61 11.48 6.25
CA ARG A 51 -8.81 12.91 6.15
C ARG A 51 -10.23 13.13 5.65
N PHE A 52 -11.11 13.59 6.53
CA PHE A 52 -12.56 13.63 6.32
C PHE A 52 -12.97 15.11 6.39
N LEU A 53 -13.24 15.72 5.23
CA LEU A 53 -13.45 17.16 5.13
C LEU A 53 -14.74 17.48 4.40
N THR A 54 -15.31 18.65 4.71
CA THR A 54 -16.42 19.17 3.95
C THR A 54 -15.96 19.69 2.59
N GLY A 55 -16.89 19.75 1.65
CA GLY A 55 -16.61 20.39 0.38
C GLY A 55 -16.81 21.88 0.38
N THR A 56 -17.02 22.46 1.54
CA THR A 56 -17.28 23.89 1.68
C THR A 56 -16.02 24.61 2.16
N ASP A 57 -15.96 25.90 1.90
CA ASP A 57 -14.81 26.71 2.31
C ASP A 57 -14.98 27.23 3.73
N GLY A 71 -19.70 42.34 1.35
CA GLY A 71 -20.85 43.11 1.80
C GLY A 71 -21.43 42.59 3.11
N VAL A 72 -22.38 43.35 3.65
CA VAL A 72 -23.06 42.99 4.89
C VAL A 72 -23.92 41.72 4.73
N PRO A 73 -24.67 41.55 3.63
CA PRO A 73 -25.40 40.27 3.52
C PRO A 73 -24.51 39.04 3.52
N THR A 74 -23.33 39.10 2.92
CA THR A 74 -22.50 37.91 2.80
C THR A 74 -21.88 37.52 4.15
N ALA A 75 -21.71 38.48 5.08
CA ALA A 75 -20.93 38.19 6.27
C ALA A 75 -21.79 37.56 7.37
N ALA A 76 -22.97 38.14 7.64
CA ALA A 76 -23.90 37.53 8.58
C ALA A 76 -24.32 36.14 8.12
N LEU A 77 -24.44 35.94 6.80
CA LEU A 77 -24.60 34.59 6.27
C LEU A 77 -23.45 33.69 6.68
N ALA A 78 -22.23 34.24 6.77
CA ALA A 78 -21.10 33.42 7.21
C ALA A 78 -21.22 33.02 8.67
N ARG A 79 -21.86 33.86 9.50
CA ARG A 79 -22.10 33.48 10.89
C ARG A 79 -23.16 32.40 10.98
N ARG A 80 -24.23 32.51 10.18
CA ARG A 80 -25.26 31.49 10.18
C ARG A 80 -24.71 30.15 9.71
N ASN A 81 -23.93 30.17 8.63
CA ASN A 81 -23.29 28.94 8.16
C ASN A 81 -22.46 28.31 9.27
N SER A 82 -21.73 29.13 10.02
CA SER A 82 -20.96 28.62 11.15
C SER A 82 -21.87 28.01 12.22
N ASP A 83 -22.91 28.74 12.61
CA ASP A 83 -23.84 28.24 13.62
C ASP A 83 -24.50 26.94 13.18
N VAL A 84 -24.93 26.86 11.92
CA VAL A 84 -25.55 25.63 11.43
C VAL A 84 -24.54 24.49 11.47
N PHE A 85 -23.29 24.78 11.08
CA PHE A 85 -22.27 23.73 11.04
C PHE A 85 -21.98 23.18 12.43
N GLN A 86 -21.83 24.07 13.43
CA GLN A 86 -21.54 23.60 14.77
C GLN A 86 -22.68 22.77 15.33
N ARG A 87 -23.93 23.22 15.12
CA ARG A 87 -25.07 22.48 15.65
C ARG A 87 -25.20 21.12 15.01
N MET A 88 -25.03 21.05 13.68
CA MET A 88 -25.14 19.78 13.00
C MET A 88 -24.04 18.83 13.43
N GLN A 89 -22.82 19.33 13.53
CA GLN A 89 -21.70 18.48 13.94
C GLN A 89 -21.92 17.92 15.33
N GLU A 90 -22.45 18.72 16.25
CA GLU A 90 -22.63 18.27 17.63
C GLU A 90 -23.88 17.41 17.79
N ALA A 91 -24.99 17.80 17.14
CA ALA A 91 -26.22 17.04 17.29
C ALA A 91 -26.12 15.64 16.69
N LEU A 92 -25.39 15.50 15.58
CA LEU A 92 -25.27 14.21 14.90
C LEU A 92 -23.92 13.54 15.12
N ASN A 93 -23.04 14.15 15.90
CA ASN A 93 -21.71 13.60 16.22
C ASN A 93 -20.92 13.27 14.95
N ILE A 94 -20.78 14.26 14.09
CA ILE A 94 -19.97 14.14 12.88
C ILE A 94 -18.53 14.44 13.24
N SER A 95 -17.62 13.59 12.78
CA SER A 95 -16.21 13.75 13.12
C SER A 95 -15.37 14.27 11.96
N PHE A 96 -15.78 15.41 11.37
CA PHE A 96 -14.93 16.06 10.37
C PHE A 96 -13.55 16.33 10.93
N ASP A 97 -12.54 16.19 10.09
CA ASP A 97 -11.19 16.59 10.48
C ASP A 97 -11.05 18.11 10.37
N ARG A 98 -10.11 18.64 11.15
CA ARG A 98 -9.91 20.08 11.29
C ARG A 98 -8.99 20.59 10.19
N PHE A 99 -9.51 21.50 9.36
CA PHE A 99 -8.76 22.09 8.26
C PHE A 99 -7.96 23.29 8.77
N ILE A 100 -6.72 23.39 8.31
CA ILE A 100 -5.81 24.46 8.72
C ILE A 100 -5.92 25.62 7.75
N ARG A 101 -6.11 26.83 8.29
CA ARG A 101 -6.23 28.02 7.47
C ARG A 101 -4.90 28.35 6.81
N THR A 102 -4.93 28.66 5.51
CA THR A 102 -3.74 29.03 4.76
C THR A 102 -4.01 30.30 3.98
N THR A 103 -2.92 30.97 3.55
CA THR A 103 -3.06 32.17 2.72
C THR A 103 -3.63 31.81 1.36
N ASP A 104 -3.23 30.68 0.79
CA ASP A 104 -3.76 30.26 -0.50
C ASP A 104 -5.25 29.99 -0.44
N ALA A 105 -5.71 29.31 0.61
CA ALA A 105 -7.14 29.00 0.73
C ALA A 105 -7.98 30.26 0.88
N ASP A 106 -7.45 31.28 1.56
CA ASP A 106 -8.21 32.53 1.73
C ASP A 106 -8.37 33.27 0.41
N HIS A 107 -7.41 33.11 -0.51
CA HIS A 107 -7.38 33.90 -1.74
C HIS A 107 -7.67 33.05 -2.97
N HIS A 108 -8.27 31.87 -2.80
CA HIS A 108 -8.77 31.06 -3.91
C HIS A 108 -7.67 30.70 -4.91
N GLU A 109 -6.48 30.40 -4.39
CA GLU A 109 -5.36 30.09 -5.28
C GLU A 109 -5.56 28.77 -6.01
N ALA A 110 -6.38 27.87 -5.47
CA ALA A 110 -6.61 26.59 -6.13
C ALA A 110 -7.32 26.77 -7.46
N SER A 111 -8.45 27.47 -7.46
CA SER A 111 -9.21 27.64 -8.70
C SER A 111 -8.44 28.49 -9.71
N LYS A 112 -7.67 29.47 -9.23
CA LYS A 112 -6.85 30.28 -10.15
C LYS A 112 -5.77 29.44 -10.80
N GLU A 113 -5.15 28.53 -10.04
CA GLU A 113 -4.14 27.66 -10.61
C GLU A 113 -4.76 26.63 -11.54
N LEU A 114 -5.94 26.11 -11.19
CA LEU A 114 -6.65 25.20 -12.09
C LEU A 114 -6.99 25.90 -13.41
N TRP A 115 -7.49 27.13 -13.34
CA TRP A 115 -7.78 27.90 -14.54
C TRP A 115 -6.51 28.08 -15.38
N ARG A 116 -5.40 28.45 -14.74
CA ARG A 116 -4.15 28.62 -15.48
C ARG A 116 -3.75 27.37 -16.23
N ARG A 117 -3.86 26.21 -15.58
CA ARG A 117 -3.45 24.97 -16.21
C ARG A 117 -4.36 24.60 -17.37
N MET A 118 -5.67 24.80 -17.21
CA MET A 118 -6.59 24.50 -18.30
C MET A 118 -6.41 25.48 -19.45
N SER A 119 -6.19 26.75 -19.13
CA SER A 119 -5.92 27.74 -20.18
C SER A 119 -4.61 27.42 -20.90
N ALA A 120 -3.55 27.07 -20.16
CA ALA A 120 -2.29 26.71 -20.80
C ALA A 120 -2.40 25.43 -21.63
N ALA A 121 -3.34 24.55 -21.29
CA ALA A 121 -3.56 23.34 -22.07
C ALA A 121 -4.34 23.60 -23.36
N GLY A 122 -4.82 24.83 -23.56
CA GLY A 122 -5.59 25.16 -24.75
C GLY A 122 -7.07 24.85 -24.67
N ASP A 123 -7.60 24.63 -23.47
CA ASP A 123 -9.00 24.20 -23.31
C ASP A 123 -9.92 25.32 -22.84
N ILE A 124 -9.47 26.56 -22.86
CA ILE A 124 -10.29 27.69 -22.44
C ILE A 124 -10.22 28.77 -23.51
N TYR A 125 -11.38 29.21 -23.99
CA TYR A 125 -11.44 30.23 -25.03
C TYR A 125 -12.57 31.20 -24.76
N LEU A 126 -12.41 32.44 -25.24
CA LEU A 126 -13.42 33.47 -25.14
C LEU A 126 -14.34 33.40 -26.36
N ASP A 127 -15.63 33.66 -26.15
CA ASP A 127 -16.58 33.63 -27.25
C ASP A 127 -17.85 34.35 -26.82
N ASN A 128 -18.59 34.83 -27.82
CA ASN A 128 -19.91 35.39 -27.60
C ASN A 128 -20.93 34.26 -27.50
N TYR A 129 -21.92 34.44 -26.63
CA TYR A 129 -22.94 33.43 -26.47
C TYR A 129 -24.24 34.08 -26.04
N SER A 130 -25.34 33.64 -26.64
CA SER A 130 -26.68 34.06 -26.27
C SER A 130 -27.51 32.83 -25.93
N GLY A 131 -28.29 32.94 -24.87
CA GLY A 131 -29.14 31.83 -24.46
C GLY A 131 -29.80 32.10 -23.14
N TRP A 132 -30.54 31.11 -22.67
CA TRP A 132 -31.22 31.19 -21.39
C TRP A 132 -30.22 31.00 -20.26
N TYR A 133 -30.07 32.02 -19.42
CA TYR A 133 -29.12 32.02 -18.32
C TYR A 133 -29.87 32.10 -16.99
N SER A 134 -29.48 31.25 -16.04
CA SER A 134 -30.04 31.26 -14.70
C SER A 134 -29.04 31.91 -13.74
N VAL A 135 -29.45 33.03 -13.12
CA VAL A 135 -28.60 33.68 -12.12
C VAL A 135 -28.33 32.77 -10.94
N ARG A 136 -29.34 31.99 -10.54
CA ARG A 136 -29.20 31.16 -9.35
C ARG A 136 -28.31 29.95 -9.62
N ASP A 137 -28.46 29.33 -10.79
CA ASP A 137 -27.62 28.18 -11.13
C ASP A 137 -26.29 28.59 -11.74
N GLU A 138 -26.19 29.81 -12.27
CA GLU A 138 -25.01 30.25 -13.01
C GLU A 138 -24.66 29.26 -14.12
N ARG A 139 -25.68 28.88 -14.88
CA ARG A 139 -25.53 27.99 -16.03
C ARG A 139 -26.38 28.51 -17.18
N PHE A 140 -26.05 28.07 -18.39
CA PHE A 140 -26.90 28.28 -19.55
C PHE A 140 -27.73 27.03 -19.80
N PHE A 141 -28.92 27.24 -20.35
CA PHE A 141 -29.85 26.16 -20.63
C PHE A 141 -30.39 26.31 -22.05
N VAL A 142 -30.62 25.18 -22.71
CA VAL A 142 -31.19 25.20 -24.06
C VAL A 142 -32.70 25.24 -23.95
N GLU A 143 -33.38 25.46 -25.09
CA GLU A 143 -34.82 25.67 -25.09
C GLU A 143 -35.56 24.52 -24.40
N SER A 144 -35.22 23.28 -24.75
CA SER A 144 -35.92 22.13 -24.17
C SER A 144 -35.65 21.94 -22.69
N GLU A 145 -34.64 22.61 -22.14
CA GLU A 145 -34.35 22.54 -20.71
C GLU A 145 -35.08 23.62 -19.91
N THR A 146 -35.95 24.40 -20.55
CA THR A 146 -36.73 25.42 -19.88
C THR A 146 -38.22 25.15 -20.10
N GLN A 147 -39.04 25.77 -19.25
CA GLN A 147 -40.48 25.64 -19.35
C GLN A 147 -41.12 26.86 -18.70
N LEU A 148 -42.31 27.21 -19.19
CA LEU A 148 -43.08 28.31 -18.62
C LEU A 148 -44.07 27.70 -17.65
N VAL A 149 -43.72 27.71 -16.36
CA VAL A 149 -44.61 27.14 -15.34
C VAL A 149 -45.90 27.93 -15.28
N ASP A 150 -45.80 29.25 -15.11
CA ASP A 150 -46.97 30.15 -15.04
C ASP A 150 -46.56 31.53 -15.55
N GLY A 151 -46.35 31.64 -16.86
CA GLY A 151 -45.96 32.90 -17.47
C GLY A 151 -44.57 33.34 -17.04
N THR A 152 -43.84 32.43 -16.38
CA THR A 152 -42.46 32.67 -16.00
C THR A 152 -41.62 31.50 -16.51
N ARG A 153 -40.56 31.81 -17.25
CA ARG A 153 -39.71 30.75 -17.80
C ARG A 153 -38.72 30.29 -16.74
N LEU A 154 -38.80 29.00 -16.37
CA LEU A 154 -37.92 28.40 -15.38
C LEU A 154 -37.17 27.23 -15.99
N THR A 155 -36.08 26.83 -15.34
CA THR A 155 -35.40 25.61 -15.73
C THR A 155 -36.27 24.41 -15.38
N VAL A 156 -36.25 23.39 -16.25
CA VAL A 156 -37.03 22.19 -15.96
C VAL A 156 -36.38 21.39 -14.83
N GLU A 157 -35.06 21.46 -14.70
CA GLU A 157 -34.36 20.63 -13.73
C GLU A 157 -34.40 21.23 -12.32
N THR A 158 -34.19 22.54 -12.20
CA THR A 158 -34.07 23.17 -10.89
C THR A 158 -35.18 24.15 -10.56
N GLY A 159 -35.98 24.56 -11.54
CA GLY A 159 -37.04 25.51 -11.27
C GLY A 159 -36.60 26.93 -10.99
N THR A 160 -35.42 27.33 -11.50
CA THR A 160 -34.97 28.69 -11.28
C THR A 160 -35.28 29.55 -12.50
N PRO A 161 -35.53 30.85 -12.31
CA PRO A 161 -35.82 31.71 -13.45
C PRO A 161 -34.62 31.87 -14.37
N VAL A 162 -34.90 31.96 -15.67
CA VAL A 162 -33.89 32.27 -16.66
C VAL A 162 -34.34 33.49 -17.44
N THR A 163 -33.38 34.32 -17.84
CA THR A 163 -33.63 35.36 -18.82
C THR A 163 -32.66 35.21 -19.98
N TRP A 164 -33.04 35.74 -21.14
CA TRP A 164 -32.20 35.67 -22.31
C TRP A 164 -31.06 36.67 -22.16
N THR A 165 -29.82 36.18 -22.20
CA THR A 165 -28.65 37.02 -22.04
C THR A 165 -27.71 36.82 -23.22
N GLU A 166 -27.12 37.91 -23.67
CA GLU A 166 -26.09 37.88 -24.72
C GLU A 166 -24.81 38.41 -24.08
N GLU A 167 -23.88 37.50 -23.83
CA GLU A 167 -22.70 37.80 -23.02
C GLU A 167 -21.43 37.33 -23.71
N GLN A 168 -20.31 37.92 -23.30
CA GLN A 168 -19.00 37.36 -23.57
C GLN A 168 -18.59 36.53 -22.36
N THR A 169 -18.17 35.30 -22.60
CA THR A 169 -17.86 34.38 -21.52
C THR A 169 -16.74 33.46 -21.97
N TYR A 170 -16.00 32.95 -21.00
CA TYR A 170 -14.97 31.96 -21.28
C TYR A 170 -15.57 30.56 -21.23
N PHE A 171 -15.19 29.74 -22.21
CA PHE A 171 -15.69 28.39 -22.35
C PHE A 171 -14.58 27.38 -22.04
N PHE A 172 -14.95 26.29 -21.40
CA PHE A 172 -14.08 25.12 -21.31
C PHE A 172 -14.45 24.18 -22.44
N ARG A 173 -13.44 23.63 -23.13
CA ARG A 173 -13.67 22.77 -24.30
C ARG A 173 -14.10 21.37 -23.86
N LEU A 174 -15.27 21.32 -23.21
CA LEU A 174 -15.77 20.04 -22.71
C LEU A 174 -16.00 19.04 -23.84
N SER A 175 -16.38 19.52 -25.04
CA SER A 175 -16.61 18.62 -26.18
C SER A 175 -15.38 17.79 -26.54
N ALA A 176 -14.18 18.27 -26.24
CA ALA A 176 -12.96 17.54 -26.53
C ALA A 176 -12.69 16.43 -25.52
N TYR A 177 -13.57 16.20 -24.56
CA TYR A 177 -13.35 15.20 -23.51
C TYR A 177 -14.46 14.16 -23.45
N THR A 178 -15.41 14.22 -24.39
CA THR A 178 -16.52 13.27 -24.38
C THR A 178 -16.02 11.83 -24.42
N ASP A 179 -15.12 11.54 -25.37
CA ASP A 179 -14.62 10.18 -25.50
C ASP A 179 -13.64 9.81 -24.40
N LYS A 180 -12.80 10.77 -23.96
CA LYS A 180 -11.91 10.52 -22.83
C LYS A 180 -12.70 10.20 -21.55
N LEU A 181 -13.83 10.87 -21.34
CA LEU A 181 -14.66 10.55 -20.18
C LEU A 181 -15.27 9.17 -20.30
N LEU A 182 -15.79 8.80 -21.48
CA LEU A 182 -16.34 7.47 -21.67
C LEU A 182 -15.27 6.40 -21.49
N ALA A 183 -14.04 6.66 -21.92
CA ALA A 183 -12.95 5.70 -21.71
C ALA A 183 -12.59 5.59 -20.23
N HIS A 184 -12.69 6.69 -19.49
CA HIS A 184 -12.43 6.61 -18.05
C HIS A 184 -13.52 5.81 -17.34
N TYR A 185 -14.78 6.00 -17.73
CA TYR A 185 -15.85 5.21 -17.13
C TYR A 185 -15.66 3.72 -17.40
N HIS A 186 -15.24 3.37 -18.63
CA HIS A 186 -15.07 1.96 -18.98
C HIS A 186 -13.87 1.35 -18.27
N ALA A 187 -12.77 2.09 -18.14
CA ALA A 187 -11.59 1.58 -17.47
C ALA A 187 -11.75 1.50 -15.95
N ASN A 188 -12.62 2.34 -15.37
CA ASN A 188 -12.79 2.43 -13.93
C ASN A 188 -14.26 2.19 -13.61
N PRO A 189 -14.70 0.93 -13.60
CA PRO A 189 -16.13 0.66 -13.39
C PRO A 189 -16.64 1.07 -12.00
N ASP A 190 -15.77 1.30 -11.04
CA ASP A 190 -16.19 1.75 -9.71
C ASP A 190 -16.06 3.25 -9.52
N PHE A 191 -15.82 4.01 -10.60
CA PHE A 191 -15.65 5.45 -10.48
C PHE A 191 -16.96 6.14 -10.08
N ILE A 192 -18.09 5.66 -10.57
CA ILE A 192 -19.40 6.25 -10.29
C ILE A 192 -20.30 5.17 -9.68
N ALA A 193 -20.98 5.50 -8.59
CA ALA A 193 -21.90 4.58 -7.94
C ALA A 193 -23.08 5.35 -7.32
N PRO A 194 -24.25 4.70 -7.17
CA PRO A 194 -24.58 3.31 -7.55
C PRO A 194 -24.70 3.12 -9.06
N GLU A 195 -25.04 1.90 -9.47
CA GLU A 195 -24.97 1.55 -10.88
C GLU A 195 -26.01 2.30 -11.71
N THR A 196 -27.18 2.58 -11.14
CA THR A 196 -28.18 3.35 -11.90
C THR A 196 -27.66 4.75 -12.22
N ARG A 197 -26.91 5.35 -11.29
CA ARG A 197 -26.30 6.66 -11.57
C ARG A 197 -25.19 6.55 -12.61
N ARG A 198 -24.40 5.49 -12.56
CA ARG A 198 -23.38 5.27 -13.57
C ARG A 198 -23.99 5.13 -14.95
N ASN A 199 -25.10 4.39 -15.06
CA ASN A 199 -25.73 4.20 -16.37
C ASN A 199 -26.28 5.51 -16.91
N GLU A 200 -26.79 6.38 -16.03
CA GLU A 200 -27.32 7.67 -16.46
C GLU A 200 -26.22 8.60 -16.93
N VAL A 201 -25.09 8.64 -16.22
CA VAL A 201 -23.98 9.49 -16.65
C VAL A 201 -23.43 9.02 -18.00
N ILE A 202 -23.26 7.69 -18.15
CA ILE A 202 -22.76 7.15 -19.41
C ILE A 202 -23.71 7.49 -20.55
N SER A 203 -25.03 7.36 -20.31
CA SER A 203 -26.00 7.68 -21.34
C SER A 203 -25.95 9.16 -21.71
N PHE A 204 -25.78 10.04 -20.71
CA PHE A 204 -25.73 11.47 -20.97
C PHE A 204 -24.50 11.82 -21.81
N VAL A 205 -23.31 11.35 -21.38
CA VAL A 205 -22.09 11.71 -22.06
C VAL A 205 -22.05 11.11 -23.46
N SER A 206 -22.60 9.91 -23.62
CA SER A 206 -22.62 9.25 -24.93
C SER A 206 -23.42 10.03 -25.97
N GLY A 207 -24.34 10.88 -25.53
CA GLY A 207 -25.06 11.72 -26.48
C GLY A 207 -24.28 12.88 -27.03
N GLY A 208 -23.05 13.07 -26.57
CA GLY A 208 -22.24 14.22 -26.96
C GLY A 208 -22.39 15.38 -26.01
N LEU A 209 -21.34 16.18 -25.90
CA LEU A 209 -21.27 17.30 -24.97
C LEU A 209 -20.89 18.58 -25.71
N ASP A 210 -21.54 19.67 -25.35
CA ASP A 210 -21.16 20.98 -25.83
C ASP A 210 -20.11 21.60 -24.92
N ASP A 211 -19.45 22.65 -25.41
CA ASP A 211 -18.50 23.37 -24.59
C ASP A 211 -19.22 24.09 -23.44
N LEU A 212 -18.49 24.29 -22.34
CA LEU A 212 -19.10 24.66 -21.07
C LEU A 212 -18.68 26.07 -20.68
N SER A 213 -19.64 26.96 -20.55
CA SER A 213 -19.37 28.30 -20.04
C SER A 213 -18.91 28.22 -18.58
N ILE A 214 -17.81 28.89 -18.27
CA ILE A 214 -17.22 28.82 -16.93
C ILE A 214 -16.95 30.19 -16.33
N SER A 215 -17.31 31.29 -17.00
CA SER A 215 -17.09 32.62 -16.45
C SER A 215 -18.20 33.55 -16.90
N ARG A 216 -18.27 34.70 -16.23
CA ARG A 216 -19.20 35.76 -16.61
C ARG A 216 -18.54 37.11 -16.41
N THR A 217 -18.92 38.07 -17.25
CA THR A 217 -18.45 39.45 -17.09
C THR A 217 -19.24 40.10 -15.97
N SER A 218 -18.56 40.48 -14.89
CA SER A 218 -19.25 41.06 -13.75
C SER A 218 -18.24 41.76 -12.85
N PHE A 219 -18.70 42.81 -12.17
CA PHE A 219 -17.91 43.48 -11.16
C PHE A 219 -18.36 43.11 -9.74
N ASP A 220 -19.35 42.22 -9.62
CA ASP A 220 -19.75 41.70 -8.33
C ASP A 220 -18.61 40.90 -7.71
N TRP A 221 -18.76 40.61 -6.43
CA TRP A 221 -17.72 39.85 -5.73
C TRP A 221 -17.65 38.43 -6.27
N GLY A 222 -16.43 37.93 -6.40
CA GLY A 222 -16.23 36.60 -6.92
C GLY A 222 -14.77 36.35 -7.18
N VAL A 223 -14.50 35.14 -7.69
CA VAL A 223 -13.13 34.74 -8.00
C VAL A 223 -12.80 35.25 -9.40
N GLN A 224 -11.91 36.23 -9.48
CA GLN A 224 -11.57 36.82 -10.77
C GLN A 224 -10.75 35.86 -11.60
N VAL A 225 -11.02 35.84 -12.89
CA VAL A 225 -10.27 34.99 -13.82
C VAL A 225 -8.84 35.51 -13.92
N PRO A 226 -7.82 34.67 -13.84
CA PRO A 226 -6.44 35.14 -14.02
C PRO A 226 -6.24 35.74 -15.41
N GLU A 227 -5.58 36.90 -15.45
CA GLU A 227 -5.29 37.70 -16.64
C GLU A 227 -6.50 38.44 -17.20
N HIS A 228 -7.70 38.22 -16.64
CA HIS A 228 -8.92 38.86 -17.15
C HIS A 228 -9.80 39.26 -15.98
N PRO A 229 -9.43 40.33 -15.28
CA PRO A 229 -10.14 40.68 -14.04
C PRO A 229 -11.58 41.14 -14.25
N ASP A 230 -11.99 41.45 -15.47
CA ASP A 230 -13.38 41.78 -15.75
C ASP A 230 -14.29 40.55 -15.75
N HIS A 231 -13.72 39.35 -15.77
CA HIS A 231 -14.47 38.10 -15.68
C HIS A 231 -14.33 37.51 -14.29
N VAL A 232 -15.41 36.88 -13.81
CA VAL A 232 -15.38 36.12 -12.56
C VAL A 232 -15.85 34.71 -12.85
N MET A 233 -15.24 33.74 -12.16
CA MET A 233 -15.66 32.35 -12.29
C MET A 233 -17.07 32.15 -11.74
N TYR A 234 -17.79 31.19 -12.31
CA TYR A 234 -19.04 30.77 -11.69
C TYR A 234 -18.76 30.15 -10.33
N VAL A 235 -19.75 30.25 -9.43
CA VAL A 235 -19.55 29.82 -8.05
C VAL A 235 -19.18 28.35 -7.98
N TRP A 236 -19.71 27.54 -8.89
CA TRP A 236 -19.50 26.10 -8.81
C TRP A 236 -18.16 25.66 -9.37
N VAL A 237 -17.55 26.46 -10.26
CA VAL A 237 -16.21 26.15 -10.73
C VAL A 237 -15.21 26.28 -9.59
N ASP A 238 -15.24 27.41 -8.89
CA ASP A 238 -14.38 27.58 -7.72
C ASP A 238 -14.76 26.63 -6.59
N ALA A 239 -16.06 26.34 -6.43
CA ALA A 239 -16.49 25.46 -5.35
C ALA A 239 -15.89 24.08 -5.48
N LEU A 240 -15.92 23.51 -6.70
CA LEU A 240 -15.34 22.20 -6.93
C LEU A 240 -13.87 22.13 -6.52
N THR A 241 -13.11 23.23 -6.71
CA THR A 241 -11.71 23.23 -6.31
C THR A 241 -11.50 23.14 -4.80
N ASN A 242 -12.55 23.31 -3.99
CA ASN A 242 -12.41 23.10 -2.54
C ASN A 242 -11.88 21.71 -2.22
N TYR A 243 -12.24 20.71 -3.04
CA TYR A 243 -11.68 19.37 -2.85
C TYR A 243 -10.16 19.38 -2.97
N LEU A 244 -9.64 20.13 -3.96
CA LEU A 244 -8.20 20.26 -4.11
C LEU A 244 -7.60 21.08 -2.98
N THR A 245 -8.29 22.15 -2.58
CA THR A 245 -7.82 22.96 -1.45
C THR A 245 -7.69 22.12 -0.19
N GLY A 246 -8.62 21.17 0.00
CA GLY A 246 -8.55 20.29 1.16
C GLY A 246 -7.30 19.45 1.22
N ALA A 247 -6.65 19.24 0.08
CA ALA A 247 -5.40 18.48 0.01
C ALA A 247 -4.19 19.36 -0.26
N GLY A 248 -4.29 20.66 0.00
CA GLY A 248 -3.15 21.56 -0.08
C GLY A 248 -2.83 22.11 -1.45
N PHE A 249 -3.61 21.78 -2.47
CA PHE A 249 -3.46 22.38 -3.80
C PHE A 249 -3.61 23.90 -3.68
N PRO A 250 -2.84 24.68 -4.45
CA PRO A 250 -1.94 24.35 -5.56
C PRO A 250 -0.52 23.96 -5.20
N ASP A 251 -0.27 23.61 -3.94
CA ASP A 251 1.08 23.22 -3.50
C ASP A 251 1.24 21.72 -3.75
N THR A 252 1.47 21.38 -5.02
CA THR A 252 1.56 19.97 -5.40
C THR A 252 2.76 19.26 -4.79
N ASP A 253 3.76 20.01 -4.32
CA ASP A 253 4.88 19.41 -3.63
C ASP A 253 4.69 19.32 -2.12
N SER A 254 3.62 19.93 -1.60
CA SER A 254 3.38 19.87 -0.17
C SER A 254 3.12 18.44 0.28
N GLU A 255 3.36 18.18 1.56
CA GLU A 255 3.12 16.85 2.09
C GLU A 255 1.64 16.50 2.04
N LEU A 256 0.76 17.49 2.22
CA LEU A 256 -0.67 17.22 2.14
C LEU A 256 -1.07 16.68 0.77
N PHE A 257 -0.55 17.28 -0.31
CA PHE A 257 -1.01 16.90 -1.65
C PHE A 257 -0.44 15.55 -2.06
N ARG A 258 0.85 15.31 -1.80
CA ARG A 258 1.41 14.00 -2.12
C ARG A 258 0.72 12.90 -1.35
N ARG A 259 0.22 13.21 -0.15
CA ARG A 259 -0.33 12.17 0.71
C ARG A 259 -1.80 11.88 0.39
N TYR A 260 -2.62 12.92 0.22
CA TYR A 260 -4.06 12.74 0.22
C TYR A 260 -4.74 12.88 -1.14
N TRP A 261 -4.11 13.56 -2.09
CA TRP A 261 -4.66 13.57 -3.45
C TRP A 261 -4.09 12.39 -4.25
N PRO A 262 -4.94 11.70 -5.02
CA PRO A 262 -6.35 12.01 -5.28
C PRO A 262 -7.32 11.57 -4.20
N ALA A 263 -8.44 12.30 -4.09
CA ALA A 263 -9.49 11.92 -3.15
C ALA A 263 -9.97 10.50 -3.44
N ASP A 264 -10.19 9.74 -2.37
CA ASP A 264 -10.67 8.37 -2.52
C ASP A 264 -12.17 8.29 -2.73
N LEU A 265 -12.94 9.25 -2.20
CA LEU A 265 -14.39 9.19 -2.30
C LEU A 265 -14.96 10.59 -2.23
N HIS A 266 -15.71 10.96 -3.25
CA HIS A 266 -16.56 12.15 -3.22
C HIS A 266 -17.97 11.68 -2.90
N MET A 267 -18.48 12.06 -1.73
CA MET A 267 -19.87 11.77 -1.37
C MET A 267 -20.73 12.96 -1.76
N ILE A 268 -21.74 12.72 -2.60
CA ILE A 268 -22.59 13.79 -3.11
C ILE A 268 -24.03 13.30 -3.17
N GLY A 269 -24.95 14.26 -3.30
CA GLY A 269 -26.32 13.93 -3.65
C GLY A 269 -26.49 13.80 -5.15
N LYS A 270 -27.49 13.03 -5.56
CA LYS A 270 -27.60 12.76 -6.99
C LYS A 270 -28.02 13.97 -7.80
N ASP A 271 -28.30 15.11 -7.15
CA ASP A 271 -28.68 16.33 -7.86
C ASP A 271 -27.51 17.02 -8.53
N ILE A 272 -26.28 16.74 -8.11
CA ILE A 272 -25.10 17.43 -8.66
C ILE A 272 -24.09 16.44 -9.22
N ILE A 273 -24.58 15.30 -9.70
CA ILE A 273 -23.68 14.25 -10.19
C ILE A 273 -22.97 14.71 -11.47
N ARG A 274 -23.64 15.45 -12.35
CA ARG A 274 -22.97 15.84 -13.58
C ARG A 274 -21.82 16.81 -13.31
N PHE A 275 -21.93 17.63 -12.25
CA PHE A 275 -20.80 18.49 -11.90
C PHE A 275 -19.60 17.67 -11.46
N HIS A 276 -19.83 16.56 -10.77
CA HIS A 276 -18.75 15.77 -10.20
C HIS A 276 -18.25 14.67 -11.13
N ALA A 277 -19.11 14.12 -11.97
CA ALA A 277 -18.76 12.94 -12.77
C ALA A 277 -18.45 13.28 -14.21
N VAL A 278 -18.79 14.49 -14.66
CA VAL A 278 -18.53 14.91 -16.04
C VAL A 278 -17.59 16.12 -16.03
N TYR A 279 -18.07 17.25 -15.47
CA TYR A 279 -17.31 18.50 -15.52
C TYR A 279 -16.00 18.38 -14.74
N TRP A 280 -16.09 17.93 -13.49
CA TRP A 280 -14.93 17.84 -12.61
C TRP A 280 -13.82 16.96 -13.19
N PRO A 281 -14.07 15.71 -13.61
CA PRO A 281 -12.97 14.94 -14.20
C PRO A 281 -12.43 15.52 -15.49
N ALA A 282 -13.26 16.17 -16.31
CA ALA A 282 -12.73 16.81 -17.51
C ALA A 282 -11.80 17.96 -17.15
N PHE A 283 -12.19 18.81 -16.19
CA PHE A 283 -11.30 19.85 -15.66
C PHE A 283 -9.95 19.26 -15.24
N LEU A 284 -9.99 18.17 -14.49
CA LEU A 284 -8.77 17.58 -13.97
C LEU A 284 -7.93 16.94 -15.06
N MET A 285 -8.57 16.27 -16.04
CA MET A 285 -7.84 15.76 -17.20
C MET A 285 -7.14 16.89 -17.94
N SER A 286 -7.84 18.00 -18.15
CA SER A 286 -7.24 19.14 -18.85
C SER A 286 -6.05 19.70 -18.09
N ALA A 287 -6.16 19.80 -16.77
CA ALA A 287 -5.10 20.39 -15.95
C ALA A 287 -3.99 19.42 -15.60
N GLY A 288 -4.06 18.18 -16.08
CA GLY A 288 -3.05 17.19 -15.74
C GLY A 288 -3.03 16.78 -14.29
N ILE A 289 -4.20 16.75 -13.64
CA ILE A 289 -4.31 16.40 -12.22
C ILE A 289 -4.97 15.03 -12.11
N GLU A 290 -4.48 14.21 -11.19
CA GLU A 290 -5.09 12.89 -10.97
C GLU A 290 -6.56 13.03 -10.58
N LEU A 291 -7.39 12.14 -11.14
CA LEU A 291 -8.83 12.16 -10.91
C LEU A 291 -9.17 11.49 -9.59
N PRO A 292 -10.29 11.85 -8.96
CA PRO A 292 -10.72 11.14 -7.76
C PRO A 292 -11.02 9.68 -8.07
N ARG A 293 -10.92 8.84 -7.04
CA ARG A 293 -11.05 7.39 -7.25
C ARG A 293 -12.51 6.97 -7.39
N ARG A 294 -13.43 7.65 -6.73
CA ARG A 294 -14.80 7.16 -6.68
C ARG A 294 -15.75 8.30 -6.30
N ILE A 295 -16.90 8.34 -6.95
CA ILE A 295 -17.99 9.25 -6.65
C ILE A 295 -19.21 8.41 -6.32
N PHE A 296 -19.83 8.68 -5.17
CA PHE A 296 -21.05 7.98 -4.79
C PHE A 296 -22.16 9.00 -4.58
N ALA A 297 -23.21 8.89 -5.37
CA ALA A 297 -24.36 9.78 -5.29
C ALA A 297 -25.47 9.08 -4.51
N HIS A 298 -25.82 9.63 -3.34
CA HIS A 298 -26.89 9.06 -2.54
C HIS A 298 -28.24 9.70 -2.91
N GLY A 299 -29.32 9.12 -2.39
CA GLY A 299 -30.65 9.62 -2.62
C GLY A 299 -31.11 10.58 -1.54
N PHE A 300 -32.40 10.92 -1.60
CA PHE A 300 -33.00 11.90 -0.70
C PHE A 300 -34.08 11.25 0.16
N LEU A 301 -34.31 11.84 1.33
CA LEU A 301 -35.30 11.35 2.27
C LEU A 301 -36.59 12.16 2.14
N HIS A 302 -37.72 11.47 2.27
CA HIS A 302 -39.02 12.13 2.29
C HIS A 302 -39.89 11.48 3.34
N ASN A 303 -40.87 12.24 3.83
CA ASN A 303 -41.85 11.70 4.76
C ASN A 303 -42.85 10.83 4.03
N ARG A 304 -43.29 9.77 4.71
CA ARG A 304 -44.19 8.79 4.10
C ARG A 304 -45.55 9.42 3.81
N GLY A 305 -45.92 9.47 2.53
CA GLY A 305 -47.21 10.02 2.12
C GLY A 305 -47.38 11.49 2.44
N ILE A 315 -38.95 19.19 4.93
CA ILE A 315 -38.36 17.93 4.53
C ILE A 315 -37.61 17.32 5.71
N VAL A 316 -37.37 16.00 5.64
CA VAL A 316 -36.80 15.22 6.74
C VAL A 316 -35.56 15.90 7.31
N ASP A 317 -35.62 16.26 8.58
CA ASP A 317 -34.56 16.99 9.28
C ASP A 317 -33.95 16.07 10.35
N PRO A 318 -32.87 15.35 10.03
CA PRO A 318 -32.28 14.44 11.02
C PRO A 318 -31.75 15.13 12.26
N VAL A 319 -31.40 16.42 12.18
CA VAL A 319 -30.95 17.13 13.38
C VAL A 319 -32.10 17.23 14.38
N ALA A 320 -33.29 17.60 13.91
CA ALA A 320 -34.45 17.66 14.79
C ALA A 320 -34.85 16.27 15.27
N LEU A 321 -34.75 15.27 14.39
CA LEU A 321 -35.04 13.90 14.82
C LEU A 321 -34.09 13.45 15.91
N ALA A 322 -32.81 13.83 15.81
CA ALA A 322 -31.82 13.36 16.78
C ALA A 322 -32.04 13.97 18.14
N GLU A 323 -32.38 15.27 18.19
CA GLU A 323 -32.66 15.91 19.46
C GLU A 323 -33.91 15.35 20.12
N ALA A 324 -34.89 14.92 19.32
CA ALA A 324 -36.12 14.35 19.86
C ALA A 324 -35.99 12.87 20.20
N LEU A 325 -35.25 12.10 19.40
CA LEU A 325 -35.22 10.65 19.53
C LEU A 325 -33.88 10.10 20.02
N GLY A 326 -32.79 10.85 19.91
CA GLY A 326 -31.46 10.34 20.24
C GLY A 326 -30.62 10.24 18.98
N VAL A 327 -29.35 10.64 19.10
CA VAL A 327 -28.47 10.69 17.94
C VAL A 327 -28.26 9.30 17.34
N ASP A 328 -28.04 8.30 18.20
CA ASP A 328 -27.70 6.98 17.67
C ASP A 328 -28.91 6.25 17.13
N GLN A 329 -30.09 6.49 17.72
CA GLN A 329 -31.33 5.95 17.16
C GLN A 329 -31.56 6.48 15.74
N VAL A 330 -31.29 7.78 15.52
CA VAL A 330 -31.51 8.37 14.20
C VAL A 330 -30.43 7.92 13.22
N ARG A 331 -29.17 7.89 13.66
CA ARG A 331 -28.09 7.43 12.78
C ARG A 331 -28.32 5.98 12.36
N TYR A 332 -28.69 5.12 13.29
CA TYR A 332 -28.96 3.73 12.96
C TYR A 332 -30.13 3.62 11.99
N PHE A 333 -31.23 4.33 12.27
CA PHE A 333 -32.41 4.21 11.42
C PHE A 333 -32.11 4.62 9.98
N LEU A 334 -31.46 5.77 9.80
CA LEU A 334 -31.23 6.27 8.45
C LEU A 334 -30.29 5.35 7.67
N LEU A 335 -29.29 4.79 8.34
CA LEU A 335 -28.34 3.94 7.64
C LEU A 335 -28.82 2.51 7.47
N ARG A 336 -29.85 2.09 8.21
CA ARG A 336 -30.42 0.75 8.08
C ARG A 336 -31.68 0.70 7.25
N GLU A 337 -32.56 1.71 7.38
CA GLU A 337 -33.86 1.65 6.74
C GLU A 337 -33.76 1.83 5.23
N VAL A 338 -32.85 2.69 4.77
CA VAL A 338 -32.76 3.06 3.36
C VAL A 338 -31.54 2.38 2.74
N PRO A 339 -31.72 1.59 1.68
CA PRO A 339 -30.54 1.10 0.94
C PRO A 339 -29.77 2.29 0.35
N PHE A 340 -28.51 2.41 0.74
CA PHE A 340 -27.78 3.64 0.42
C PHE A 340 -27.63 3.79 -1.09
N GLY A 341 -28.02 4.97 -1.59
CA GLY A 341 -28.15 5.23 -3.01
C GLY A 341 -29.58 5.42 -3.47
N GLN A 342 -30.53 4.72 -2.85
CA GLN A 342 -31.94 4.89 -3.17
C GLN A 342 -32.53 6.06 -2.37
N ASP A 343 -33.65 6.57 -2.88
CA ASP A 343 -34.46 7.49 -2.10
C ASP A 343 -35.16 6.74 -0.97
N GLY A 344 -35.33 7.41 0.16
CA GLY A 344 -35.89 6.80 1.35
C GLY A 344 -37.17 7.48 1.79
N SER A 345 -38.04 6.70 2.43
CA SER A 345 -39.30 7.19 2.98
C SER A 345 -39.27 7.08 4.49
N TYR A 346 -39.58 8.17 5.18
CA TYR A 346 -39.59 8.21 6.63
C TYR A 346 -41.02 8.22 7.15
N SER A 347 -41.34 7.28 8.02
CA SER A 347 -42.57 7.30 8.80
C SER A 347 -42.21 7.07 10.26
N ASP A 348 -42.98 7.71 11.15
CA ASP A 348 -42.72 7.55 12.58
C ASP A 348 -42.84 6.09 13.00
N GLU A 349 -43.74 5.35 12.38
CA GLU A 349 -43.93 3.94 12.74
C GLU A 349 -42.68 3.13 12.40
N ALA A 350 -42.01 3.47 11.30
CA ALA A 350 -40.83 2.72 10.88
C ALA A 350 -39.67 2.91 11.84
N ILE A 351 -39.48 4.13 12.34
CA ILE A 351 -38.34 4.38 13.22
C ILE A 351 -38.64 3.89 14.64
N VAL A 352 -39.90 3.93 15.07
CA VAL A 352 -40.26 3.41 16.39
C VAL A 352 -39.94 1.92 16.49
N THR A 353 -40.29 1.14 15.44
CA THR A 353 -39.98 -0.28 15.46
C THR A 353 -38.49 -0.54 15.54
N ARG A 354 -37.70 0.24 14.78
CA ARG A 354 -36.25 0.04 14.82
C ARG A 354 -35.67 0.46 16.17
N ILE A 355 -36.21 1.50 16.77
CA ILE A 355 -35.76 1.91 18.09
C ILE A 355 -36.11 0.84 19.13
N ASN A 356 -37.31 0.27 19.05
CA ASN A 356 -37.79 -0.66 20.07
C ASN A 356 -37.36 -2.09 19.82
N THR A 357 -37.43 -2.57 18.57
CA THR A 357 -37.07 -3.95 18.26
C THR A 357 -35.58 -4.11 18.04
N ASP A 358 -35.03 -3.41 17.04
CA ASP A 358 -33.62 -3.59 16.67
C ASP A 358 -32.70 -3.20 17.81
N LEU A 359 -32.86 -2.00 18.34
CA LEU A 359 -31.93 -1.47 19.33
C LEU A 359 -32.28 -1.90 20.75
N ALA A 360 -33.47 -1.55 21.22
CA ALA A 360 -33.81 -1.77 22.62
C ALA A 360 -33.88 -3.27 22.94
N ASN A 361 -34.43 -4.07 22.04
CA ASN A 361 -34.70 -5.48 22.33
C ASN A 361 -33.56 -6.38 21.84
N GLU A 362 -33.35 -6.42 20.52
CA GLU A 362 -32.45 -7.40 19.93
C GLU A 362 -31.02 -7.22 20.42
N LEU A 363 -30.57 -5.96 20.54
CA LEU A 363 -29.23 -5.69 21.04
C LEU A 363 -29.24 -5.34 22.53
N GLY A 364 -30.02 -4.33 22.91
CA GLY A 364 -29.95 -3.84 24.28
C GLY A 364 -30.30 -4.88 25.31
N ASN A 365 -31.46 -5.52 25.15
CA ASN A 365 -31.92 -6.46 26.18
C ASN A 365 -31.05 -7.71 26.24
N LEU A 366 -30.51 -8.15 25.09
CA LEU A 366 -29.59 -9.28 25.11
C LEU A 366 -28.33 -8.94 25.90
N ALA A 367 -27.77 -7.74 25.70
CA ALA A 367 -26.61 -7.33 26.47
C ALA A 367 -26.97 -7.17 27.95
N GLN A 368 -28.12 -6.57 28.24
CA GLN A 368 -28.49 -6.34 29.64
C GLN A 368 -28.74 -7.64 30.37
N ARG A 369 -29.41 -8.60 29.72
CA ARG A 369 -29.71 -9.88 30.37
C ARG A 369 -28.44 -10.63 30.74
N SER A 370 -27.48 -10.69 29.81
CA SER A 370 -26.27 -11.47 30.09
C SER A 370 -25.36 -10.74 31.07
N LEU A 371 -25.22 -9.41 30.92
CA LEU A 371 -24.36 -8.65 31.82
C LEU A 371 -24.92 -8.63 33.23
N SER A 372 -26.24 -8.69 33.37
CA SER A 372 -26.83 -8.77 34.70
C SER A 372 -26.44 -10.06 35.40
N MET A 373 -26.35 -11.16 34.65
CA MET A 373 -25.98 -12.43 35.28
C MET A 373 -24.50 -12.49 35.61
N VAL A 374 -23.66 -11.78 34.86
CA VAL A 374 -22.25 -11.70 35.22
C VAL A 374 -22.08 -10.92 36.52
N ALA A 375 -22.81 -9.83 36.67
CA ALA A 375 -22.67 -8.99 37.87
C ALA A 375 -23.24 -9.67 39.11
N LYS A 376 -24.33 -10.42 38.96
CA LYS A 376 -25.04 -10.96 40.12
C LYS A 376 -24.63 -12.39 40.47
N ASN A 377 -24.17 -13.16 39.51
CA ASN A 377 -23.86 -14.56 39.76
C ASN A 377 -22.39 -14.93 39.53
N LEU A 378 -21.62 -14.07 38.86
CA LEU A 378 -20.21 -14.35 38.62
C LEU A 378 -19.31 -13.23 39.16
N ASP A 379 -19.80 -12.49 40.15
CA ASP A 379 -19.02 -11.48 40.88
C ASP A 379 -18.49 -10.38 39.97
N GLY A 380 -19.27 -10.02 38.95
CA GLY A 380 -18.87 -8.95 38.05
C GLY A 380 -17.61 -9.25 37.27
N ARG A 381 -17.32 -10.52 37.04
CA ARG A 381 -16.10 -10.96 36.39
C ARG A 381 -16.45 -11.82 35.18
N VAL A 382 -15.78 -11.57 34.06
CA VAL A 382 -15.97 -12.37 32.85
C VAL A 382 -15.61 -13.81 33.16
N PRO A 383 -16.51 -14.76 32.95
CA PRO A 383 -16.22 -16.15 33.32
C PRO A 383 -15.23 -16.79 32.35
N ASN A 384 -14.49 -17.75 32.86
CA ASN A 384 -13.63 -18.56 32.01
C ASN A 384 -14.47 -19.64 31.35
N PRO A 385 -14.54 -19.68 30.02
CA PRO A 385 -15.39 -20.68 29.36
C PRO A 385 -14.76 -22.06 29.38
N GLY A 386 -15.63 -23.06 29.43
CA GLY A 386 -15.23 -24.43 29.21
C GLY A 386 -15.03 -24.70 27.73
N GLU A 387 -14.95 -25.98 27.39
CA GLU A 387 -14.77 -26.37 26.00
C GLU A 387 -16.02 -26.05 25.21
N PHE A 388 -15.84 -25.44 24.04
CA PHE A 388 -16.97 -24.96 23.25
C PHE A 388 -17.69 -26.13 22.60
N ALA A 389 -19.01 -26.20 22.81
CA ALA A 389 -19.84 -27.18 22.12
C ALA A 389 -20.07 -26.73 20.68
N ASP A 390 -20.79 -27.57 19.91
CA ASP A 390 -21.07 -27.24 18.52
C ASP A 390 -21.90 -25.97 18.39
N ALA A 391 -22.93 -25.80 19.24
CA ALA A 391 -23.73 -24.59 19.19
C ALA A 391 -22.89 -23.36 19.56
N ASP A 392 -21.95 -23.52 20.49
CA ASP A 392 -21.05 -22.42 20.84
C ASP A 392 -20.19 -22.03 19.66
N ALA A 393 -19.57 -23.03 19.01
CA ALA A 393 -18.64 -22.76 17.93
C ALA A 393 -19.34 -22.19 16.70
N ALA A 394 -20.59 -22.60 16.46
CA ALA A 394 -21.32 -22.07 15.29
C ALA A 394 -21.61 -20.59 15.45
N LEU A 395 -22.03 -20.16 16.65
CA LEU A 395 -22.30 -18.75 16.87
C LEU A 395 -21.03 -17.93 16.84
N LEU A 396 -19.96 -18.43 17.45
CA LEU A 396 -18.67 -17.73 17.38
C LEU A 396 -18.16 -17.65 15.95
N ALA A 397 -18.34 -18.71 15.16
CA ALA A 397 -17.90 -18.69 13.76
C ALA A 397 -18.62 -17.62 12.97
N THR A 398 -19.93 -17.45 13.22
CA THR A 398 -20.68 -16.40 12.53
C THR A 398 -20.18 -15.02 12.94
N ALA A 399 -19.95 -14.81 14.23
CA ALA A 399 -19.46 -13.51 14.69
C ALA A 399 -18.06 -13.24 14.17
N ASP A 400 -17.17 -14.24 14.21
CA ASP A 400 -15.80 -14.05 13.74
C ASP A 400 -15.74 -13.72 12.25
N GLY A 401 -16.75 -14.10 11.47
CA GLY A 401 -16.80 -13.78 10.06
C GLY A 401 -17.43 -12.44 9.71
N LEU A 402 -17.90 -11.68 10.70
CA LEU A 402 -18.63 -10.44 10.43
C LEU A 402 -17.72 -9.34 9.91
N LEU A 403 -16.52 -9.20 10.50
CA LEU A 403 -15.65 -8.09 10.12
C LEU A 403 -15.36 -8.10 8.63
N GLU A 404 -15.07 -9.27 8.06
CA GLU A 404 -14.81 -9.35 6.63
C GLU A 404 -16.05 -8.98 5.82
N ARG A 405 -17.22 -9.47 6.22
CA ARG A 405 -18.43 -9.17 5.48
C ARG A 405 -18.81 -7.70 5.62
N VAL A 406 -18.61 -7.12 6.80
CA VAL A 406 -18.97 -5.72 7.00
C VAL A 406 -18.04 -4.81 6.22
N ARG A 407 -16.74 -5.15 6.20
CA ARG A 407 -15.76 -4.37 5.44
C ARG A 407 -16.12 -4.34 3.96
N GLY A 408 -16.55 -5.46 3.39
CA GLY A 408 -16.93 -5.48 1.99
C GLY A 408 -18.13 -4.59 1.71
N HIS A 409 -19.10 -4.57 2.62
CA HIS A 409 -20.27 -3.72 2.40
C HIS A 409 -19.91 -2.24 2.53
N PHE A 410 -19.03 -1.92 3.49
CA PHE A 410 -18.61 -0.53 3.65
C PHE A 410 -17.78 -0.05 2.46
N ASP A 411 -16.96 -0.94 1.88
CA ASP A 411 -16.18 -0.54 0.72
C ASP A 411 -17.05 -0.22 -0.49
N ALA A 412 -18.27 -0.74 -0.54
CA ALA A 412 -19.24 -0.38 -1.57
C ALA A 412 -20.22 0.70 -1.11
N GLN A 413 -20.01 1.27 0.08
CA GLN A 413 -20.94 2.23 0.69
C GLN A 413 -22.34 1.63 0.81
N ALA A 414 -22.40 0.37 1.25
CA ALA A 414 -23.68 -0.31 1.50
C ALA A 414 -23.79 -0.57 3.00
N MET A 415 -23.87 0.51 3.76
CA MET A 415 -23.93 0.40 5.22
C MET A 415 -25.19 -0.33 5.68
N HIS A 416 -26.27 -0.27 4.89
CA HIS A 416 -27.48 -0.99 5.27
C HIS A 416 -27.23 -2.50 5.28
N LEU A 417 -26.44 -3.00 4.33
CA LEU A 417 -26.15 -4.44 4.28
C LEU A 417 -25.20 -4.83 5.40
N ALA A 418 -24.25 -3.95 5.73
CA ALA A 418 -23.39 -4.22 6.88
C ALA A 418 -24.19 -4.30 8.18
N LEU A 419 -25.16 -3.39 8.36
CA LEU A 419 -25.96 -3.43 9.58
C LEU A 419 -26.91 -4.63 9.60
N GLU A 420 -27.44 -5.00 8.43
CA GLU A 420 -28.28 -6.19 8.36
C GLU A 420 -27.50 -7.44 8.72
N ALA A 421 -26.25 -7.52 8.26
CA ALA A 421 -25.42 -8.69 8.59
C ALA A 421 -25.18 -8.77 10.09
N ILE A 422 -24.93 -7.62 10.74
CA ILE A 422 -24.68 -7.63 12.18
C ILE A 422 -25.92 -8.08 12.94
N TRP A 423 -27.09 -7.58 12.57
CA TRP A 423 -28.32 -7.93 13.27
C TRP A 423 -28.81 -9.33 12.94
N LEU A 424 -28.43 -9.86 11.77
CA LEU A 424 -28.64 -11.29 11.53
C LEU A 424 -27.86 -12.14 12.53
N MET A 425 -26.63 -11.74 12.84
CA MET A 425 -25.88 -12.44 13.89
C MET A 425 -26.53 -12.23 15.26
N LEU A 426 -26.97 -11.01 15.56
CA LEU A 426 -27.67 -10.78 16.82
C LEU A 426 -28.95 -11.59 16.90
N GLY A 427 -29.58 -11.87 15.77
CA GLY A 427 -30.72 -12.79 15.77
C GLY A 427 -30.29 -14.19 16.20
N ASP A 428 -29.19 -14.69 15.64
CA ASP A 428 -28.68 -15.99 16.03
C ASP A 428 -28.27 -16.00 17.50
N ALA A 429 -27.70 -14.90 17.99
CA ALA A 429 -27.27 -14.82 19.39
C ALA A 429 -28.46 -14.87 20.33
N ASN A 430 -29.56 -14.18 19.98
CA ASN A 430 -30.75 -14.22 20.82
C ASN A 430 -31.41 -15.59 20.79
N LYS A 431 -31.41 -16.25 19.64
CA LYS A 431 -31.90 -17.61 19.56
C LYS A 431 -31.04 -18.54 20.41
N TYR A 432 -29.72 -18.44 20.27
CA TYR A 432 -28.79 -19.20 21.09
C TYR A 432 -29.07 -18.97 22.58
N PHE A 433 -29.22 -17.70 22.97
CA PHE A 433 -29.45 -17.36 24.36
C PHE A 433 -30.75 -17.98 24.87
N SER A 434 -31.79 -17.98 24.05
CA SER A 434 -33.08 -18.52 24.47
C SER A 434 -33.08 -20.04 24.54
N VAL A 435 -32.23 -20.69 23.75
CA VAL A 435 -32.15 -22.15 23.77
C VAL A 435 -31.30 -22.62 24.95
N GLN A 436 -30.14 -21.99 25.17
CA GLN A 436 -29.24 -22.45 26.21
C GLN A 436 -29.81 -22.21 27.60
N GLN A 437 -30.62 -21.18 27.77
CA GLN A 437 -31.22 -20.85 29.06
C GLN A 437 -30.20 -20.78 30.19
N PRO A 438 -29.25 -19.85 30.13
CA PRO A 438 -28.24 -19.75 31.20
C PRO A 438 -28.83 -19.37 32.55
N TRP A 439 -30.01 -18.74 32.59
CA TRP A 439 -30.59 -18.34 33.86
C TRP A 439 -31.16 -19.50 34.67
N VAL A 440 -31.24 -20.71 34.09
CA VAL A 440 -31.71 -21.87 34.84
C VAL A 440 -30.50 -22.74 35.22
N LEU A 441 -29.43 -22.65 34.42
CA LEU A 441 -28.19 -23.31 34.80
C LEU A 441 -27.53 -22.64 36.00
N ARG A 442 -27.85 -21.37 36.24
CA ARG A 442 -27.28 -20.63 37.36
C ARG A 442 -27.64 -21.26 38.70
N LYS A 443 -28.79 -21.94 38.77
CA LYS A 443 -29.27 -22.49 40.04
C LYS A 443 -28.53 -23.78 40.41
N SER A 444 -28.29 -24.65 39.45
CA SER A 444 -27.82 -26.00 39.73
C SER A 444 -26.43 -25.99 40.37
N GLU A 445 -26.27 -26.82 41.40
CA GLU A 445 -24.98 -27.04 42.04
C GLU A 445 -24.17 -28.15 41.36
N SER A 446 -24.48 -28.46 40.10
CA SER A 446 -23.74 -29.47 39.38
C SER A 446 -22.34 -28.97 39.04
N GLU A 447 -21.51 -29.88 38.55
CA GLU A 447 -20.23 -29.50 37.98
C GLU A 447 -20.35 -29.21 36.49
N ALA A 448 -21.33 -29.82 35.83
CA ALA A 448 -21.53 -29.64 34.41
C ALA A 448 -22.45 -28.49 34.08
N ASP A 449 -23.48 -28.26 34.90
CA ASP A 449 -24.36 -27.13 34.64
C ASP A 449 -23.66 -25.80 34.89
N GLN A 450 -22.83 -25.72 35.93
CA GLN A 450 -22.10 -24.49 36.19
C GLN A 450 -21.08 -24.21 35.10
N ALA A 451 -20.41 -25.26 34.60
CA ALA A 451 -19.49 -25.09 33.48
C ALA A 451 -20.24 -24.65 32.23
N ARG A 452 -21.42 -25.22 31.98
CA ARG A 452 -22.24 -24.77 30.87
C ARG A 452 -22.75 -23.35 31.10
N PHE A 453 -23.00 -23.00 32.36
CA PHE A 453 -23.43 -21.64 32.69
C PHE A 453 -22.37 -20.62 32.31
N ARG A 454 -21.10 -20.92 32.62
CA ARG A 454 -20.01 -20.01 32.29
C ARG A 454 -19.80 -19.89 30.79
N THR A 455 -19.86 -21.02 30.08
CA THR A 455 -19.53 -21.00 28.66
C THR A 455 -20.58 -20.24 27.85
N THR A 456 -21.86 -20.42 28.18
CA THR A 456 -22.90 -19.76 27.40
C THR A 456 -22.91 -18.26 27.66
N LEU A 457 -22.63 -17.84 28.89
CA LEU A 457 -22.54 -16.42 29.17
C LEU A 457 -21.32 -15.80 28.50
N TYR A 458 -20.20 -16.52 28.50
CA TYR A 458 -19.01 -16.02 27.82
C TYR A 458 -19.27 -15.85 26.32
N VAL A 459 -19.92 -16.84 25.70
CA VAL A 459 -20.17 -16.77 24.26
C VAL A 459 -21.08 -15.59 23.93
N THR A 460 -22.11 -15.37 24.75
CA THR A 460 -23.03 -14.27 24.50
C THR A 460 -22.31 -12.93 24.66
N CYS A 461 -21.53 -12.78 25.74
CA CYS A 461 -20.76 -11.55 25.93
C CYS A 461 -19.76 -11.36 24.79
N GLU A 462 -19.12 -12.44 24.34
CA GLU A 462 -18.10 -12.31 23.29
C GLU A 462 -18.70 -11.85 21.97
N VAL A 463 -19.89 -12.35 21.61
CA VAL A 463 -20.48 -11.92 20.34
C VAL A 463 -21.08 -10.52 20.46
N VAL A 464 -21.54 -10.14 21.66
CA VAL A 464 -21.97 -8.76 21.88
C VAL A 464 -20.78 -7.82 21.75
N ARG A 465 -19.61 -8.24 22.26
CA ARG A 465 -18.41 -7.42 22.11
C ARG A 465 -18.05 -7.20 20.65
N ILE A 466 -18.11 -8.26 19.83
CA ILE A 466 -17.78 -8.12 18.42
C ILE A 466 -18.77 -7.19 17.73
N ALA A 467 -20.07 -7.38 17.99
CA ALA A 467 -21.06 -6.50 17.37
C ALA A 467 -20.89 -5.05 17.81
N ALA A 468 -20.59 -4.82 19.10
CA ALA A 468 -20.39 -3.47 19.57
C ALA A 468 -19.19 -2.81 18.89
N LEU A 469 -18.12 -3.56 18.69
CA LEU A 469 -16.96 -2.99 18.00
C LEU A 469 -17.31 -2.57 16.58
N LEU A 470 -18.11 -3.40 15.89
CA LEU A 470 -18.43 -3.13 14.49
C LEU A 470 -19.51 -2.07 14.31
N ILE A 471 -20.33 -1.80 15.33
CA ILE A 471 -21.33 -0.75 15.20
C ILE A 471 -20.81 0.61 15.62
N GLN A 472 -19.56 0.70 16.09
CA GLN A 472 -18.99 2.00 16.44
C GLN A 472 -19.12 3.05 15.34
N PRO A 473 -18.91 2.76 14.05
CA PRO A 473 -19.10 3.82 13.04
C PRO A 473 -20.52 4.34 12.95
N VAL A 474 -21.52 3.52 13.27
CA VAL A 474 -22.91 3.93 13.09
C VAL A 474 -23.47 4.60 14.35
N MET A 475 -23.14 4.05 15.52
CA MET A 475 -23.62 4.57 16.81
C MET A 475 -22.43 4.69 17.75
N PRO A 476 -21.61 5.74 17.59
CA PRO A 476 -20.33 5.79 18.33
C PRO A 476 -20.49 5.75 19.84
N GLU A 477 -21.47 6.45 20.39
CA GLU A 477 -21.56 6.59 21.83
C GLU A 477 -22.24 5.40 22.47
N SER A 478 -23.35 4.94 21.90
CA SER A 478 -23.99 3.74 22.43
C SER A 478 -23.07 2.54 22.33
N ALA A 479 -22.35 2.41 21.20
CA ALA A 479 -21.40 1.31 21.10
C ALA A 479 -20.28 1.46 22.12
N GLY A 480 -19.82 2.70 22.34
CA GLY A 480 -18.82 2.93 23.38
C GLY A 480 -19.32 2.55 24.76
N LYS A 481 -20.59 2.85 25.04
CA LYS A 481 -21.15 2.48 26.35
C LYS A 481 -21.20 0.97 26.52
N ILE A 482 -21.58 0.24 25.46
CA ILE A 482 -21.60 -1.22 25.55
C ILE A 482 -20.18 -1.75 25.80
N LEU A 483 -19.21 -1.21 25.09
CA LEU A 483 -17.82 -1.63 25.28
C LEU A 483 -17.33 -1.27 26.67
N ASP A 484 -17.80 -0.16 27.24
CA ASP A 484 -17.53 0.14 28.64
C ASP A 484 -18.12 -0.93 29.54
N LEU A 485 -19.36 -1.33 29.28
CA LEU A 485 -19.99 -2.37 30.10
C LEU A 485 -19.24 -3.69 30.00
N LEU A 486 -18.58 -3.94 28.88
CA LEU A 486 -17.79 -5.16 28.70
C LEU A 486 -16.35 -5.00 29.16
N GLY A 487 -16.04 -3.93 29.90
CA GLY A 487 -14.71 -3.78 30.47
C GLY A 487 -13.60 -3.58 29.45
N GLN A 488 -13.92 -3.08 28.26
CA GLN A 488 -12.93 -2.86 27.21
C GLN A 488 -12.34 -1.46 27.35
N ALA A 489 -11.03 -1.39 27.56
CA ALA A 489 -10.37 -0.09 27.64
C ALA A 489 -10.47 0.63 26.30
N PRO A 490 -10.45 1.96 26.31
CA PRO A 490 -10.56 2.71 25.05
C PRO A 490 -9.48 2.38 24.03
N ASN A 491 -8.29 1.94 24.46
CA ASN A 491 -7.21 1.61 23.53
C ASN A 491 -7.44 0.28 22.81
N GLN A 492 -8.41 -0.51 23.24
CA GLN A 492 -8.66 -1.85 22.70
C GLN A 492 -9.98 -1.91 21.93
N ARG A 493 -10.25 -0.89 21.11
CA ARG A 493 -11.53 -0.81 20.42
C ARG A 493 -11.38 -0.64 18.91
N SER A 494 -10.18 -0.83 18.36
CA SER A 494 -10.04 -0.85 16.91
C SER A 494 -10.45 -2.21 16.36
N PHE A 495 -10.53 -2.31 15.03
CA PHE A 495 -10.92 -3.58 14.43
C PHE A 495 -9.86 -4.65 14.62
N ALA A 496 -8.62 -4.28 14.93
CA ALA A 496 -7.61 -5.27 15.30
C ALA A 496 -8.00 -6.00 16.58
N ALA A 497 -8.80 -5.37 17.44
CA ALA A 497 -9.24 -6.02 18.66
C ALA A 497 -10.38 -7.00 18.44
N VAL A 498 -10.99 -7.02 17.25
CA VAL A 498 -12.08 -7.97 16.99
C VAL A 498 -11.58 -9.41 17.11
N GLY A 499 -10.37 -9.67 16.62
CA GLY A 499 -9.80 -11.00 16.70
C GLY A 499 -9.17 -11.37 18.02
N VAL A 500 -9.34 -10.54 19.05
CA VAL A 500 -8.79 -10.81 20.38
C VAL A 500 -9.98 -11.07 21.30
N ARG A 501 -10.15 -12.32 21.71
CA ARG A 501 -11.31 -12.72 22.50
C ARG A 501 -11.38 -11.97 23.83
N LEU A 502 -12.61 -11.81 24.31
CA LEU A 502 -12.86 -11.28 25.65
C LEU A 502 -12.06 -12.05 26.70
N THR A 503 -11.35 -11.31 27.54
CA THR A 503 -10.43 -11.94 28.49
C THR A 503 -11.18 -12.41 29.73
N PRO A 504 -11.12 -13.69 30.07
CA PRO A 504 -11.68 -14.14 31.34
C PRO A 504 -10.97 -13.45 32.51
N GLY A 505 -11.74 -13.11 33.53
CA GLY A 505 -11.24 -12.35 34.66
C GLY A 505 -11.40 -10.85 34.54
N THR A 506 -11.75 -10.35 33.36
CA THR A 506 -11.99 -8.93 33.18
C THR A 506 -13.10 -8.46 34.12
N ALA A 507 -12.85 -7.36 34.82
CA ALA A 507 -13.85 -6.81 35.73
C ALA A 507 -14.81 -5.91 34.97
N LEU A 508 -16.12 -6.16 35.13
CA LEU A 508 -17.14 -5.40 34.44
C LEU A 508 -17.85 -4.44 35.38
N PRO A 509 -18.10 -3.21 34.96
CA PRO A 509 -18.85 -2.28 35.80
C PRO A 509 -20.30 -2.72 35.93
N PRO A 510 -21.03 -2.22 36.93
CA PRO A 510 -22.45 -2.54 37.05
C PRO A 510 -23.21 -2.10 35.81
N PRO A 511 -24.00 -2.99 35.21
CA PRO A 511 -24.65 -2.65 33.94
C PRO A 511 -25.72 -1.59 34.12
N THR A 512 -25.76 -0.65 33.18
CA THR A 512 -26.80 0.37 33.09
C THR A 512 -27.37 0.37 31.69
N GLY A 513 -28.56 0.95 31.55
CA GLY A 513 -29.25 0.93 30.27
C GLY A 513 -28.52 1.77 29.23
N VAL A 514 -28.57 1.31 27.98
CA VAL A 514 -27.93 1.98 26.85
C VAL A 514 -28.96 2.37 25.78
N PHE A 515 -29.85 1.44 25.44
CA PHE A 515 -30.83 1.63 24.37
C PHE A 515 -32.23 1.67 24.97
N PRO A 516 -32.76 2.84 25.32
CA PRO A 516 -34.11 2.91 25.89
C PRO A 516 -35.19 2.78 24.81
N ARG A 517 -36.36 2.36 25.26
CA ARG A 517 -37.52 2.29 24.38
C ARG A 517 -37.99 3.69 23.99
N TYR A 518 -38.67 3.77 22.84
CA TYR A 518 -39.25 5.02 22.41
C TYR A 518 -40.25 5.56 23.43
N GLN A 519 -40.11 6.83 23.77
CA GLN A 519 -41.00 7.49 24.72
C GLN A 519 -41.85 8.51 23.98
N PRO A 520 -43.12 8.25 23.71
CA PRO A 520 -43.96 9.22 23.01
C PRO A 520 -44.17 10.47 23.85
N PRO A 521 -44.21 11.65 23.22
CA PRO A 521 -44.43 12.93 23.91
C PRO A 521 -45.75 12.97 24.68
N HIS B 4 1.27 -27.09 -22.93
CA HIS B 4 1.55 -26.86 -21.52
C HIS B 4 2.95 -26.27 -21.37
N HIS B 5 3.24 -25.29 -22.24
CA HIS B 5 4.51 -24.57 -22.24
C HIS B 5 4.23 -23.15 -21.78
N HIS B 6 4.40 -22.92 -20.48
CA HIS B 6 4.31 -21.59 -19.90
C HIS B 6 5.68 -21.01 -19.63
N HIS B 7 6.75 -21.65 -20.10
CA HIS B 7 8.11 -21.18 -19.96
C HIS B 7 8.93 -21.68 -21.14
N HIS B 8 9.94 -20.89 -21.52
CA HIS B 8 10.89 -21.32 -22.55
C HIS B 8 12.34 -20.98 -22.23
N MET B 9 12.62 -20.18 -21.21
CA MET B 9 13.97 -19.74 -20.88
C MET B 9 14.57 -20.58 -19.76
N LYS B 10 15.89 -20.53 -19.63
CA LYS B 10 16.57 -21.24 -18.56
C LYS B 10 16.19 -20.66 -17.21
N PRO B 11 15.80 -21.49 -16.24
CA PRO B 11 15.40 -20.95 -14.93
C PRO B 11 16.58 -20.51 -14.09
N TYR B 12 16.31 -19.53 -13.22
CA TYR B 12 17.28 -19.01 -12.26
C TYR B 12 16.56 -18.74 -10.96
N TYR B 13 16.88 -19.51 -9.92
CA TYR B 13 16.22 -19.43 -8.63
C TYR B 13 17.19 -18.82 -7.62
N VAL B 14 16.83 -17.64 -7.10
CA VAL B 14 17.69 -16.89 -6.20
C VAL B 14 16.86 -16.46 -5.00
N THR B 15 17.46 -16.59 -3.81
CA THR B 15 16.77 -16.32 -2.55
C THR B 15 17.54 -15.29 -1.73
N THR B 16 16.78 -14.53 -0.95
CA THR B 16 17.35 -13.76 0.15
C THR B 16 17.24 -14.57 1.43
N ALA B 17 17.89 -14.09 2.48
CA ALA B 17 18.19 -14.91 3.63
C ALA B 17 16.98 -15.11 4.53
N ILE B 18 16.99 -16.23 5.25
CA ILE B 18 16.05 -16.44 6.35
C ILE B 18 16.26 -15.39 7.43
N ALA B 19 15.23 -15.17 8.24
CA ALA B 19 15.25 -14.09 9.22
C ALA B 19 16.24 -14.35 10.35
N TYR B 20 16.36 -15.61 10.77
CA TYR B 20 17.18 -15.99 11.93
C TYR B 20 18.56 -15.30 11.93
N PRO B 21 19.06 -14.91 13.11
CA PRO B 21 18.54 -15.09 14.48
C PRO B 21 17.35 -14.20 14.87
N ASN B 22 17.16 -13.08 14.18
CA ASN B 22 16.06 -12.18 14.51
C ASN B 22 14.70 -12.84 14.22
N ALA B 23 13.78 -12.71 15.19
CA ALA B 23 12.42 -13.18 14.93
C ALA B 23 11.73 -12.37 13.85
N ALA B 24 12.19 -11.14 13.59
CA ALA B 24 11.57 -10.28 12.60
C ALA B 24 12.25 -10.49 11.25
N PRO B 25 11.51 -10.87 10.22
CA PRO B 25 12.08 -10.88 8.87
C PRO B 25 12.20 -9.46 8.32
N HIS B 26 12.95 -9.35 7.23
CA HIS B 26 13.08 -8.14 6.42
C HIS B 26 13.83 -7.03 7.14
N VAL B 27 13.57 -6.85 8.44
CA VAL B 27 14.20 -5.76 9.19
C VAL B 27 15.72 -5.89 9.10
N GLY B 28 16.37 -4.82 8.64
CA GLY B 28 17.81 -4.84 8.48
C GLY B 28 18.32 -5.51 7.22
N HIS B 29 17.44 -5.95 6.33
CA HIS B 29 17.85 -6.66 5.11
C HIS B 29 17.71 -5.82 3.85
N ALA B 30 17.53 -4.49 4.00
CA ALA B 30 17.30 -3.66 2.82
C ALA B 30 18.48 -3.69 1.85
N TYR B 31 19.70 -3.57 2.38
CA TYR B 31 20.90 -3.65 1.54
C TYR B 31 20.96 -4.99 0.81
N GLU B 32 20.72 -6.08 1.53
CA GLU B 32 20.66 -7.41 0.92
C GLU B 32 19.58 -7.47 -0.18
N TYR B 33 18.40 -6.92 0.09
CA TYR B 33 17.30 -6.98 -0.87
C TYR B 33 17.63 -6.19 -2.14
N ILE B 34 18.27 -5.02 -1.99
CA ILE B 34 18.60 -4.20 -3.15
C ILE B 34 19.60 -4.92 -4.04
N ALA B 35 20.66 -5.47 -3.45
CA ALA B 35 21.66 -6.16 -4.24
C ALA B 35 21.07 -7.38 -4.95
N THR B 36 20.29 -8.18 -4.23
CA THR B 36 19.70 -9.38 -4.83
C THR B 36 18.68 -9.00 -5.91
N ASP B 37 17.95 -7.90 -5.70
CA ASP B 37 17.01 -7.44 -6.72
C ASP B 37 17.72 -7.04 -8.00
N ALA B 38 18.87 -6.36 -7.89
CA ALA B 38 19.63 -6.01 -9.08
C ALA B 38 20.11 -7.25 -9.81
N ILE B 39 20.53 -8.27 -9.07
CA ILE B 39 20.94 -9.54 -9.68
C ILE B 39 19.75 -10.19 -10.37
N ALA B 40 18.58 -10.19 -9.72
CA ALA B 40 17.40 -10.80 -10.34
C ALA B 40 16.97 -10.03 -11.58
N ARG B 41 16.97 -8.69 -11.51
CA ARG B 41 16.58 -7.88 -12.66
C ARG B 41 17.53 -8.09 -13.83
N PHE B 42 18.83 -8.24 -13.54
CA PHE B 42 19.79 -8.48 -14.60
C PHE B 42 19.51 -9.81 -15.29
N LYS B 43 19.12 -10.82 -14.52
CA LYS B 43 18.85 -12.13 -15.11
C LYS B 43 17.57 -12.10 -15.95
N ARG B 44 16.55 -11.35 -15.49
CA ARG B 44 15.33 -11.24 -16.28
C ARG B 44 15.60 -10.57 -17.62
N LEU B 45 16.46 -9.56 -17.63
CA LEU B 45 16.79 -8.87 -18.87
C LEU B 45 17.67 -9.73 -19.77
N ASP B 46 18.31 -10.75 -19.23
CA ASP B 46 19.25 -11.59 -19.96
C ASP B 46 18.65 -12.93 -20.36
N ARG B 47 17.33 -12.99 -20.52
CA ARG B 47 16.62 -14.16 -21.04
C ARG B 47 16.72 -15.36 -20.09
N TYR B 48 16.46 -15.10 -18.82
CA TYR B 48 16.33 -16.15 -17.81
C TYR B 48 14.91 -16.15 -17.27
N ASP B 49 14.44 -17.33 -16.90
CA ASP B 49 13.18 -17.46 -16.16
C ASP B 49 13.50 -17.36 -14.67
N VAL B 50 13.34 -16.17 -14.12
CA VAL B 50 13.83 -15.86 -12.78
C VAL B 50 12.74 -16.11 -11.76
N ARG B 51 13.10 -16.82 -10.69
CA ARG B 51 12.25 -16.97 -9.50
C ARG B 51 13.02 -16.37 -8.33
N PHE B 52 12.56 -15.20 -7.87
CA PHE B 52 13.27 -14.36 -6.90
C PHE B 52 12.38 -14.31 -5.65
N LEU B 53 12.77 -15.04 -4.59
CA LEU B 53 11.93 -15.20 -3.40
C LEU B 53 12.69 -14.83 -2.14
N THR B 54 11.93 -14.44 -1.11
CA THR B 54 12.49 -14.29 0.23
C THR B 54 12.69 -15.66 0.86
N GLY B 55 13.59 -15.70 1.85
CA GLY B 55 13.77 -16.90 2.63
C GLY B 55 12.78 -17.06 3.76
N THR B 56 11.77 -16.21 3.78
CA THR B 56 10.78 -16.19 4.84
C THR B 56 9.48 -16.79 4.35
N ASP B 57 8.59 -17.08 5.29
CA ASP B 57 7.32 -17.71 4.94
C ASP B 57 6.15 -16.74 5.12
N GLY B 71 -0.01 -17.50 19.67
CA GLY B 71 -1.13 -16.75 20.23
C GLY B 71 -1.21 -15.31 19.76
N VAL B 72 -1.65 -14.43 20.66
CA VAL B 72 -1.76 -13.02 20.30
C VAL B 72 -0.42 -12.40 19.96
N PRO B 73 0.68 -12.63 20.70
CA PRO B 73 1.95 -12.00 20.33
C PRO B 73 2.46 -12.35 18.93
N THR B 74 2.06 -13.50 18.38
CA THR B 74 2.57 -13.93 17.08
C THR B 74 1.68 -13.48 15.92
N ALA B 75 0.42 -13.16 16.18
CA ALA B 75 -0.48 -12.77 15.10
C ALA B 75 -0.25 -11.33 14.65
N ALA B 76 -0.19 -10.39 15.61
CA ALA B 76 0.01 -8.99 15.24
C ALA B 76 1.45 -8.72 14.84
N LEU B 77 2.38 -9.56 15.30
CA LEU B 77 3.74 -9.48 14.80
C LEU B 77 3.79 -9.88 13.33
N ALA B 78 2.84 -10.69 12.88
CA ALA B 78 2.77 -11.02 11.46
C ALA B 78 2.19 -9.87 10.65
N ARG B 79 1.36 -9.03 11.27
CA ARG B 79 0.90 -7.83 10.60
C ARG B 79 2.03 -6.82 10.43
N ARG B 80 2.89 -6.68 11.45
CA ARG B 80 4.05 -5.81 11.34
C ARG B 80 5.00 -6.27 10.24
N ASN B 81 5.22 -7.59 10.14
CA ASN B 81 6.10 -8.12 9.10
C ASN B 81 5.58 -7.79 7.71
N SER B 82 4.28 -7.95 7.49
CA SER B 82 3.68 -7.58 6.21
C SER B 82 3.82 -6.09 5.92
N ASP B 83 3.63 -5.25 6.95
CA ASP B 83 3.79 -3.81 6.77
C ASP B 83 5.23 -3.46 6.42
N VAL B 84 6.20 -4.03 7.13
CA VAL B 84 7.60 -3.75 6.84
C VAL B 84 7.96 -4.22 5.44
N PHE B 85 7.47 -5.42 5.06
CA PHE B 85 7.79 -5.98 3.76
C PHE B 85 7.25 -5.11 2.62
N GLN B 86 5.98 -4.71 2.70
CA GLN B 86 5.40 -3.94 1.61
C GLN B 86 6.02 -2.56 1.51
N ARG B 87 6.32 -1.94 2.66
CA ARG B 87 6.96 -0.64 2.64
C ARG B 87 8.37 -0.73 2.07
N MET B 88 9.13 -1.74 2.48
CA MET B 88 10.48 -1.91 1.95
C MET B 88 10.44 -2.23 0.47
N GLN B 89 9.52 -3.10 0.05
CA GLN B 89 9.40 -3.43 -1.36
C GLN B 89 9.07 -2.21 -2.20
N GLU B 90 8.21 -1.32 -1.68
CA GLU B 90 7.82 -0.14 -2.44
C GLU B 90 8.90 0.95 -2.41
N ALA B 91 9.45 1.23 -1.24
CA ALA B 91 10.43 2.32 -1.12
C ALA B 91 11.70 2.05 -1.92
N LEU B 92 12.10 0.78 -2.01
CA LEU B 92 13.33 0.44 -2.71
C LEU B 92 13.08 -0.23 -4.05
N ASN B 93 11.83 -0.38 -4.46
CA ASN B 93 11.42 -1.03 -5.70
C ASN B 93 12.07 -2.41 -5.87
N ILE B 94 11.76 -3.29 -4.92
CA ILE B 94 12.23 -4.67 -4.95
C ILE B 94 11.19 -5.51 -5.67
N SER B 95 11.63 -6.33 -6.62
CA SER B 95 10.70 -7.07 -7.46
C SER B 95 10.69 -8.56 -7.12
N PHE B 96 10.46 -8.90 -5.84
CA PHE B 96 10.27 -10.29 -5.47
C PHE B 96 9.14 -10.92 -6.28
N ASP B 97 9.32 -12.18 -6.65
CA ASP B 97 8.26 -12.91 -7.33
C ASP B 97 7.20 -13.35 -6.32
N ARG B 98 6.00 -13.59 -6.84
CA ARG B 98 4.82 -13.86 -6.02
C ARG B 98 4.74 -15.35 -5.71
N PHE B 99 4.73 -15.68 -4.43
CA PHE B 99 4.69 -17.07 -3.97
C PHE B 99 3.24 -17.51 -3.78
N ILE B 100 2.93 -18.70 -4.28
CA ILE B 100 1.59 -19.28 -4.18
C ILE B 100 1.59 -20.23 -2.98
N ARG B 101 0.74 -19.93 -2.00
CA ARG B 101 0.68 -20.75 -0.80
C ARG B 101 -0.10 -22.04 -1.07
N THR B 102 0.39 -23.13 -0.50
CA THR B 102 -0.20 -24.45 -0.69
C THR B 102 -0.53 -25.07 0.65
N THR B 103 -1.19 -26.24 0.60
CA THR B 103 -1.49 -26.97 1.82
C THR B 103 -0.22 -27.45 2.51
N ASP B 104 0.76 -27.92 1.73
CA ASP B 104 2.01 -28.41 2.30
C ASP B 104 2.76 -27.30 3.02
N ALA B 105 2.81 -26.11 2.44
CA ALA B 105 3.54 -25.00 3.07
C ALA B 105 2.89 -24.59 4.39
N ASP B 106 1.56 -24.55 4.44
CA ASP B 106 0.87 -24.17 5.67
C ASP B 106 1.19 -25.11 6.82
N HIS B 107 1.45 -26.39 6.53
CA HIS B 107 1.69 -27.40 7.55
C HIS B 107 3.16 -27.77 7.67
N HIS B 108 4.06 -26.95 7.12
CA HIS B 108 5.51 -27.15 7.26
C HIS B 108 5.94 -28.54 6.81
N GLU B 109 5.34 -29.00 5.71
CA GLU B 109 5.63 -30.35 5.23
C GLU B 109 7.06 -30.50 4.71
N ALA B 110 7.70 -29.40 4.31
CA ALA B 110 9.07 -29.49 3.82
C ALA B 110 10.03 -29.92 4.93
N SER B 111 9.92 -29.29 6.10
CA SER B 111 10.82 -29.63 7.20
C SER B 111 10.51 -31.01 7.77
N LYS B 112 9.24 -31.40 7.79
CA LYS B 112 8.87 -32.74 8.20
C LYS B 112 9.43 -33.78 7.24
N GLU B 113 9.35 -33.51 5.94
CA GLU B 113 9.88 -34.46 4.97
C GLU B 113 11.40 -34.51 5.02
N LEU B 114 12.05 -33.36 5.22
CA LEU B 114 13.50 -33.34 5.35
C LEU B 114 13.94 -34.14 6.58
N TRP B 115 13.28 -33.91 7.72
CA TRP B 115 13.59 -34.68 8.93
C TRP B 115 13.42 -36.17 8.69
N ARG B 116 12.32 -36.57 8.03
CA ARG B 116 12.10 -37.98 7.73
C ARG B 116 13.24 -38.56 6.90
N ARG B 117 13.69 -37.83 5.88
CA ARG B 117 14.76 -38.33 5.03
C ARG B 117 16.07 -38.48 5.79
N MET B 118 16.41 -37.49 6.62
CA MET B 118 17.65 -37.59 7.40
C MET B 118 17.55 -38.70 8.43
N SER B 119 16.38 -38.88 9.03
CA SER B 119 16.19 -39.98 9.98
C SER B 119 16.20 -41.33 9.26
N ALA B 120 15.57 -41.42 8.09
CA ALA B 120 15.59 -42.65 7.33
C ALA B 120 17.00 -43.03 6.89
N ALA B 121 17.86 -42.04 6.67
CA ALA B 121 19.25 -42.27 6.31
C ALA B 121 20.12 -42.65 7.51
N GLY B 122 19.56 -42.62 8.72
CA GLY B 122 20.31 -42.93 9.91
C GLY B 122 21.15 -41.81 10.48
N ASP B 123 20.82 -40.56 10.18
CA ASP B 123 21.63 -39.42 10.58
C ASP B 123 21.02 -38.63 11.74
N ILE B 124 19.95 -39.12 12.34
CA ILE B 124 19.30 -38.45 13.47
C ILE B 124 19.14 -39.45 14.61
N TYR B 125 19.64 -39.07 15.79
CA TYR B 125 19.53 -39.93 16.95
C TYR B 125 19.18 -39.11 18.17
N LEU B 126 18.50 -39.75 19.13
CA LEU B 126 18.16 -39.12 20.40
C LEU B 126 19.32 -39.31 21.38
N ASP B 127 19.55 -38.30 22.22
CA ASP B 127 20.63 -38.40 23.19
C ASP B 127 20.40 -37.39 24.29
N ASN B 128 21.00 -37.68 25.46
CA ASN B 128 21.08 -36.71 26.54
C ASN B 128 22.22 -35.75 26.27
N TYR B 129 22.04 -34.51 26.71
CA TYR B 129 23.11 -33.52 26.52
C TYR B 129 22.97 -32.45 27.60
N SER B 130 24.11 -31.94 28.03
CA SER B 130 24.17 -30.83 28.98
C SER B 130 25.18 -29.80 28.47
N GLY B 131 24.80 -28.53 28.56
CA GLY B 131 25.69 -27.47 28.13
C GLY B 131 24.98 -26.14 28.13
N TRP B 132 25.71 -25.12 27.70
CA TRP B 132 25.18 -23.77 27.63
C TRP B 132 24.22 -23.63 26.47
N TYR B 133 22.94 -23.38 26.77
CA TYR B 133 21.90 -23.25 25.75
C TYR B 133 21.38 -21.82 25.71
N SER B 134 21.23 -21.27 24.51
CA SER B 134 20.68 -19.94 24.29
C SER B 134 19.27 -20.09 23.72
N VAL B 135 18.26 -19.63 24.48
CA VAL B 135 16.89 -19.76 23.99
C VAL B 135 16.67 -18.86 22.78
N ARG B 136 17.43 -17.76 22.67
CA ARG B 136 17.28 -16.85 21.54
C ARG B 136 17.88 -17.45 20.27
N ASP B 137 19.07 -18.05 20.37
CA ASP B 137 19.72 -18.65 19.22
C ASP B 137 19.24 -20.06 18.93
N GLU B 138 18.67 -20.74 19.93
CA GLU B 138 18.29 -22.14 19.81
C GLU B 138 19.48 -23.00 19.40
N ARG B 139 20.60 -22.77 20.07
CA ARG B 139 21.84 -23.49 19.84
C ARG B 139 22.53 -23.76 21.17
N PHE B 140 23.38 -24.77 21.18
CA PHE B 140 24.26 -25.05 22.30
C PHE B 140 25.63 -24.45 22.02
N PHE B 141 26.32 -24.07 23.11
CA PHE B 141 27.62 -23.41 23.02
C PHE B 141 28.57 -24.03 24.02
N VAL B 142 29.83 -24.24 23.61
CA VAL B 142 30.85 -24.76 24.50
C VAL B 142 31.39 -23.61 25.34
N GLU B 143 32.15 -23.94 26.40
CA GLU B 143 32.58 -22.95 27.37
C GLU B 143 33.32 -21.78 26.71
N SER B 144 34.23 -22.07 25.78
CA SER B 144 35.01 -21.02 25.13
C SER B 144 34.18 -20.13 24.22
N GLU B 145 32.94 -20.51 23.91
CA GLU B 145 32.02 -19.68 23.14
C GLU B 145 31.12 -18.82 24.02
N THR B 146 31.38 -18.77 25.33
CA THR B 146 30.63 -17.93 26.26
C THR B 146 31.59 -17.01 27.00
N GLN B 147 31.03 -15.96 27.60
CA GLN B 147 31.82 -15.01 28.36
C GLN B 147 30.92 -14.30 29.36
N LEU B 148 31.50 -13.96 30.51
CA LEU B 148 30.82 -13.15 31.53
C LEU B 148 31.10 -11.69 31.21
N VAL B 149 30.09 -10.96 30.75
CA VAL B 149 30.29 -9.58 30.36
C VAL B 149 30.22 -8.66 31.58
N ASP B 150 29.15 -8.75 32.35
CA ASP B 150 29.06 -8.05 33.63
C ASP B 150 28.25 -8.90 34.60
N GLY B 151 28.73 -10.09 34.90
CA GLY B 151 28.05 -11.01 35.79
C GLY B 151 26.98 -11.85 35.13
N THR B 152 26.77 -11.70 33.83
CA THR B 152 25.82 -12.52 33.08
C THR B 152 26.55 -13.23 31.94
N ARG B 153 26.24 -14.50 31.76
CA ARG B 153 26.93 -15.32 30.76
C ARG B 153 26.25 -15.17 29.40
N LEU B 154 26.97 -14.60 28.44
CA LEU B 154 26.49 -14.43 27.08
C LEU B 154 27.36 -15.21 26.11
N THR B 155 26.79 -15.55 24.96
CA THR B 155 27.60 -16.09 23.87
C THR B 155 28.56 -15.01 23.38
N VAL B 156 29.81 -15.39 23.14
CA VAL B 156 30.76 -14.43 22.59
C VAL B 156 30.36 -14.02 21.17
N GLU B 157 29.60 -14.88 20.49
CA GLU B 157 29.35 -14.68 19.06
C GLU B 157 28.17 -13.76 18.81
N THR B 158 27.12 -13.87 19.62
CA THR B 158 25.91 -13.09 19.39
C THR B 158 25.47 -12.26 20.59
N GLY B 159 26.05 -12.48 21.77
CA GLY B 159 25.64 -11.74 22.94
C GLY B 159 24.30 -12.16 23.52
N THR B 160 23.88 -13.37 23.27
CA THR B 160 22.62 -13.75 23.88
C THR B 160 22.85 -14.52 25.17
N PRO B 161 21.96 -14.41 26.15
CA PRO B 161 22.13 -15.16 27.40
C PRO B 161 22.06 -16.66 27.16
N VAL B 162 22.87 -17.41 27.91
CA VAL B 162 22.82 -18.85 27.92
C VAL B 162 22.59 -19.32 29.35
N THR B 163 21.83 -20.40 29.50
CA THR B 163 21.66 -21.08 30.79
C THR B 163 22.10 -22.53 30.65
N TRP B 164 22.58 -23.11 31.74
CA TRP B 164 22.97 -24.51 31.74
C TRP B 164 21.73 -25.39 31.75
N THR B 165 21.56 -26.19 30.71
CA THR B 165 20.40 -27.08 30.59
C THR B 165 20.88 -28.51 30.38
N GLU B 166 20.13 -29.45 30.95
CA GLU B 166 20.40 -30.87 30.77
C GLU B 166 19.13 -31.48 30.18
N GLU B 167 19.11 -31.66 28.86
CA GLU B 167 17.90 -32.02 28.15
C GLU B 167 18.11 -33.23 27.26
N GLN B 168 17.01 -33.87 26.90
CA GLN B 168 16.98 -34.83 25.81
C GLN B 168 16.71 -34.07 24.51
N THR B 169 17.45 -34.43 23.46
CA THR B 169 17.33 -33.71 22.20
C THR B 169 17.78 -34.63 21.07
N TYR B 170 17.29 -34.32 19.87
CA TYR B 170 17.69 -35.07 18.69
C TYR B 170 18.89 -34.41 18.03
N PHE B 171 19.86 -35.24 17.63
CA PHE B 171 21.09 -34.76 17.02
C PHE B 171 21.14 -35.15 15.56
N PHE B 172 21.72 -34.28 14.74
CA PHE B 172 22.10 -34.63 13.39
C PHE B 172 23.57 -35.02 13.41
N ARG B 173 23.90 -36.14 12.75
CA ARG B 173 25.28 -36.59 12.74
C ARG B 173 26.15 -35.74 11.84
N LEU B 174 26.35 -34.47 12.21
CA LEU B 174 27.16 -33.56 11.40
C LEU B 174 28.60 -34.04 11.29
N SER B 175 29.11 -34.74 12.31
CA SER B 175 30.48 -35.22 12.30
C SER B 175 30.74 -36.18 11.14
N ALA B 176 29.71 -36.87 10.66
CA ALA B 176 29.82 -37.80 9.56
C ALA B 176 29.94 -37.11 8.20
N TYR B 177 29.85 -35.78 8.14
CA TYR B 177 29.88 -35.08 6.87
C TYR B 177 31.02 -34.08 6.79
N THR B 178 31.92 -34.07 7.77
CA THR B 178 33.06 -33.15 7.72
C THR B 178 33.84 -33.30 6.42
N ASP B 179 34.26 -34.53 6.11
CA ASP B 179 35.08 -34.75 4.92
C ASP B 179 34.28 -34.56 3.64
N LYS B 180 33.01 -34.99 3.64
CA LYS B 180 32.17 -34.77 2.46
C LYS B 180 31.96 -33.29 2.17
N LEU B 181 31.88 -32.46 3.22
CA LEU B 181 31.76 -31.01 3.01
C LEU B 181 33.03 -30.43 2.44
N LEU B 182 34.19 -30.84 2.96
CA LEU B 182 35.47 -30.39 2.42
C LEU B 182 35.65 -30.82 0.96
N ALA B 183 35.24 -32.04 0.63
CA ALA B 183 35.34 -32.49 -0.76
C ALA B 183 34.41 -31.68 -1.66
N HIS B 184 33.24 -31.28 -1.16
CA HIS B 184 32.35 -30.44 -1.94
C HIS B 184 32.94 -29.05 -2.16
N TYR B 185 33.52 -28.45 -1.12
CA TYR B 185 34.18 -27.16 -1.30
C TYR B 185 35.28 -27.24 -2.35
N HIS B 186 36.06 -28.32 -2.33
CA HIS B 186 37.18 -28.45 -3.27
C HIS B 186 36.68 -28.71 -4.69
N ALA B 187 35.66 -29.54 -4.85
CA ALA B 187 35.11 -29.81 -6.17
C ALA B 187 34.34 -28.63 -6.75
N ASN B 188 33.85 -27.73 -5.91
CA ASN B 188 33.03 -26.59 -6.34
C ASN B 188 33.62 -25.29 -5.80
N PRO B 189 34.66 -24.77 -6.45
CA PRO B 189 35.32 -23.56 -5.94
C PRO B 189 34.43 -22.31 -5.91
N ASP B 190 33.30 -22.30 -6.62
CA ASP B 190 32.39 -21.17 -6.61
C ASP B 190 31.18 -21.37 -5.69
N PHE B 191 31.20 -22.44 -4.89
CA PHE B 191 30.05 -22.72 -4.01
C PHE B 191 29.89 -21.66 -2.91
N ILE B 192 31.00 -21.11 -2.41
CA ILE B 192 30.98 -20.10 -1.34
C ILE B 192 31.76 -18.88 -1.81
N ALA B 193 31.20 -17.69 -1.60
CA ALA B 193 31.85 -16.43 -1.99
C ALA B 193 31.45 -15.32 -1.01
N PRO B 194 32.31 -14.29 -0.85
CA PRO B 194 33.62 -14.11 -1.48
C PRO B 194 34.70 -15.02 -0.92
N GLU B 195 35.92 -14.89 -1.42
CA GLU B 195 36.95 -15.88 -1.13
C GLU B 195 37.36 -15.85 0.33
N THR B 196 37.33 -14.69 0.98
CA THR B 196 37.63 -14.64 2.41
C THR B 196 36.63 -15.49 3.21
N ARG B 197 35.36 -15.46 2.82
CA ARG B 197 34.37 -16.29 3.49
C ARG B 197 34.60 -17.77 3.20
N ARG B 198 34.97 -18.10 1.96
CA ARG B 198 35.29 -19.48 1.63
C ARG B 198 36.43 -20.01 2.49
N ASN B 199 37.49 -19.22 2.65
CA ASN B 199 38.62 -19.68 3.44
C ASN B 199 38.22 -19.91 4.90
N GLU B 200 37.37 -19.03 5.44
CA GLU B 200 36.95 -19.17 6.84
C GLU B 200 36.11 -20.42 7.03
N VAL B 201 35.21 -20.72 6.10
CA VAL B 201 34.39 -21.93 6.21
C VAL B 201 35.26 -23.17 6.11
N ILE B 202 36.22 -23.19 5.17
CA ILE B 202 37.10 -24.35 5.04
C ILE B 202 37.92 -24.56 6.31
N SER B 203 38.41 -23.46 6.89
CA SER B 203 39.19 -23.57 8.12
C SER B 203 38.35 -24.10 9.27
N PHE B 204 37.09 -23.64 9.37
CA PHE B 204 36.21 -24.11 10.44
C PHE B 204 35.93 -25.60 10.32
N VAL B 205 35.50 -26.03 9.13
CA VAL B 205 35.17 -27.44 8.93
C VAL B 205 36.40 -28.33 9.03
N SER B 206 37.56 -27.83 8.58
CA SER B 206 38.80 -28.61 8.64
C SER B 206 39.19 -28.95 10.08
N GLY B 207 38.79 -28.11 11.03
CA GLY B 207 39.03 -28.42 12.43
C GLY B 207 38.19 -29.53 13.00
N GLY B 208 37.28 -30.11 12.21
CA GLY B 208 36.37 -31.13 12.72
C GLY B 208 35.08 -30.53 13.25
N LEU B 209 34.00 -31.34 13.17
CA LEU B 209 32.67 -30.91 13.57
C LEU B 209 32.07 -31.92 14.54
N ASP B 210 31.36 -31.39 15.54
CA ASP B 210 30.56 -32.20 16.45
C ASP B 210 29.15 -32.39 15.88
N ASP B 211 28.44 -33.35 16.46
CA ASP B 211 27.05 -33.55 16.06
C ASP B 211 26.20 -32.36 16.52
N LEU B 212 25.08 -32.16 15.82
CA LEU B 212 24.34 -30.90 15.90
C LEU B 212 22.95 -31.16 16.46
N SER B 213 22.65 -30.52 17.59
CA SER B 213 21.30 -30.57 18.14
C SER B 213 20.33 -29.82 17.23
N ILE B 214 19.19 -30.46 16.92
CA ILE B 214 18.24 -29.90 15.96
C ILE B 214 16.81 -29.93 16.50
N SER B 215 16.63 -30.29 17.77
CA SER B 215 15.30 -30.33 18.37
C SER B 215 15.38 -29.99 19.86
N ARG B 216 14.22 -29.70 20.44
CA ARG B 216 14.12 -29.44 21.87
C ARG B 216 12.78 -29.98 22.38
N THR B 217 12.77 -30.43 23.63
CA THR B 217 11.55 -30.89 24.27
C THR B 217 10.80 -29.67 24.81
N SER B 218 9.66 -29.36 24.23
CA SER B 218 8.90 -28.18 24.64
C SER B 218 7.49 -28.30 24.11
N PHE B 219 6.54 -27.78 24.90
CA PHE B 219 5.15 -27.70 24.50
C PHE B 219 4.77 -26.34 23.95
N ASP B 220 5.76 -25.49 23.67
CA ASP B 220 5.51 -24.25 22.96
C ASP B 220 5.07 -24.53 21.53
N TRP B 221 4.66 -23.48 20.82
CA TRP B 221 4.36 -23.63 19.41
C TRP B 221 5.62 -23.90 18.61
N GLY B 222 5.50 -24.75 17.61
CA GLY B 222 6.64 -25.05 16.76
C GLY B 222 6.31 -26.18 15.82
N VAL B 223 7.30 -26.53 15.01
CA VAL B 223 7.17 -27.65 14.09
C VAL B 223 7.49 -28.93 14.85
N GLN B 224 6.47 -29.72 15.15
CA GLN B 224 6.67 -30.94 15.89
C GLN B 224 7.45 -31.95 15.06
N VAL B 225 8.38 -32.64 15.71
CA VAL B 225 9.17 -33.66 15.02
C VAL B 225 8.27 -34.81 14.62
N PRO B 226 8.35 -35.30 13.37
CA PRO B 226 7.55 -36.47 12.99
C PRO B 226 7.84 -37.67 13.87
N GLU B 227 6.77 -38.35 14.29
CA GLU B 227 6.78 -39.53 15.16
C GLU B 227 7.19 -39.23 16.60
N HIS B 228 7.51 -37.98 16.94
CA HIS B 228 7.90 -37.62 18.30
C HIS B 228 7.29 -36.28 18.66
N PRO B 229 5.99 -36.26 18.97
CA PRO B 229 5.28 -34.98 19.15
C PRO B 229 5.72 -34.18 20.36
N ASP B 230 6.53 -34.74 21.26
CA ASP B 230 7.04 -33.99 22.40
C ASP B 230 8.20 -33.08 22.04
N HIS B 231 8.87 -33.34 20.93
CA HIS B 231 9.98 -32.51 20.43
C HIS B 231 9.48 -31.55 19.37
N VAL B 232 10.06 -30.35 19.36
CA VAL B 232 9.86 -29.38 18.29
C VAL B 232 11.22 -29.07 17.68
N MET B 233 11.24 -28.88 16.36
CA MET B 233 12.46 -28.49 15.67
C MET B 233 12.88 -27.09 16.11
N TYR B 234 14.18 -26.83 16.03
CA TYR B 234 14.65 -25.46 16.21
C TYR B 234 14.14 -24.61 15.05
N VAL B 235 13.94 -23.31 15.34
CA VAL B 235 13.34 -22.40 14.36
C VAL B 235 14.19 -22.30 13.12
N TRP B 236 15.51 -22.40 13.24
CA TRP B 236 16.38 -22.26 12.09
C TRP B 236 16.43 -23.52 11.22
N VAL B 237 16.15 -24.69 11.79
CA VAL B 237 16.04 -25.90 10.99
C VAL B 237 14.85 -25.80 10.05
N ASP B 238 13.69 -25.41 10.58
CA ASP B 238 12.52 -25.21 9.73
C ASP B 238 12.71 -24.02 8.80
N ALA B 239 13.36 -22.96 9.27
CA ALA B 239 13.54 -21.77 8.43
C ALA B 239 14.36 -22.09 7.18
N LEU B 240 15.42 -22.88 7.32
CA LEU B 240 16.22 -23.25 6.15
C LEU B 240 15.39 -23.94 5.07
N THR B 241 14.42 -24.76 5.47
CA THR B 241 13.61 -25.48 4.48
C THR B 241 12.71 -24.56 3.67
N ASN B 242 12.56 -23.28 4.05
CA ASN B 242 11.79 -22.34 3.25
C ASN B 242 12.36 -22.23 1.83
N TYR B 243 13.67 -22.36 1.67
CA TYR B 243 14.27 -22.40 0.34
C TYR B 243 13.70 -23.54 -0.48
N LEU B 244 13.54 -24.72 0.14
CA LEU B 244 12.94 -25.85 -0.54
C LEU B 244 11.45 -25.61 -0.80
N THR B 245 10.75 -25.03 0.17
CA THR B 245 9.32 -24.76 0.00
C THR B 245 9.09 -23.82 -1.17
N GLY B 246 10.00 -22.86 -1.38
CA GLY B 246 9.87 -21.94 -2.50
C GLY B 246 9.91 -22.63 -3.85
N ALA B 247 10.46 -23.84 -3.91
CA ALA B 247 10.52 -24.63 -5.13
C ALA B 247 9.57 -25.81 -5.11
N GLY B 248 8.55 -25.79 -4.23
CA GLY B 248 7.51 -26.79 -4.26
C GLY B 248 7.75 -28.04 -3.44
N PHE B 249 8.94 -28.20 -2.87
CA PHE B 249 9.23 -29.31 -1.97
C PHE B 249 8.20 -29.36 -0.84
N PRO B 250 7.80 -30.58 -0.40
CA PRO B 250 8.30 -31.92 -0.70
C PRO B 250 7.78 -32.57 -1.97
N ASP B 251 6.97 -31.86 -2.77
CA ASP B 251 6.47 -32.39 -4.02
C ASP B 251 7.60 -32.40 -5.04
N THR B 252 8.47 -33.41 -4.91
CA THR B 252 9.66 -33.48 -5.75
C THR B 252 9.34 -33.72 -7.22
N ASP B 253 8.15 -34.21 -7.53
CA ASP B 253 7.75 -34.38 -8.93
C ASP B 253 7.01 -33.17 -9.47
N SER B 254 6.78 -32.15 -8.64
CA SER B 254 6.07 -30.98 -9.09
C SER B 254 6.86 -30.26 -10.18
N GLU B 255 6.15 -29.45 -10.96
CA GLU B 255 6.80 -28.66 -11.99
C GLU B 255 7.77 -27.65 -11.38
N LEU B 256 7.43 -27.10 -10.21
CA LEU B 256 8.31 -26.13 -9.57
C LEU B 256 9.65 -26.77 -9.19
N PHE B 257 9.61 -27.94 -8.57
CA PHE B 257 10.84 -28.54 -8.04
C PHE B 257 11.76 -29.01 -9.16
N ARG B 258 11.20 -29.67 -10.18
CA ARG B 258 12.03 -30.13 -11.28
C ARG B 258 12.64 -28.95 -12.03
N ARG B 259 11.96 -27.82 -12.05
CA ARG B 259 12.43 -26.68 -12.83
C ARG B 259 13.36 -25.75 -12.04
N TYR B 260 13.08 -25.52 -10.75
CA TYR B 260 13.79 -24.47 -10.03
C TYR B 260 14.78 -24.96 -8.99
N TRP B 261 14.63 -26.19 -8.49
CA TRP B 261 15.64 -26.74 -7.60
C TRP B 261 16.69 -27.50 -8.41
N PRO B 262 17.98 -27.34 -8.06
CA PRO B 262 18.52 -26.59 -6.91
C PRO B 262 18.59 -25.08 -7.10
N ALA B 263 18.47 -24.34 -5.99
CA ALA B 263 18.63 -22.89 -6.04
C ALA B 263 19.98 -22.51 -6.63
N ASP B 264 19.97 -21.47 -7.45
CA ASP B 264 21.21 -21.01 -8.07
C ASP B 264 22.03 -20.13 -7.14
N LEU B 265 21.39 -19.38 -6.26
CA LEU B 265 22.13 -18.44 -5.43
C LEU B 265 21.37 -18.22 -4.13
N HIS B 266 22.04 -18.49 -3.01
CA HIS B 266 21.57 -18.07 -1.69
C HIS B 266 22.31 -16.78 -1.34
N MET B 267 21.61 -15.66 -1.35
CA MET B 267 22.19 -14.40 -0.88
C MET B 267 21.95 -14.29 0.62
N ILE B 268 23.03 -14.17 1.39
CA ILE B 268 22.93 -14.09 2.85
C ILE B 268 23.90 -13.04 3.37
N GLY B 269 23.66 -12.62 4.62
CA GLY B 269 24.68 -11.89 5.34
C GLY B 269 25.70 -12.84 5.95
N LYS B 270 26.92 -12.33 6.14
CA LYS B 270 27.98 -13.21 6.63
C LYS B 270 27.78 -13.65 8.07
N ASP B 271 26.77 -13.14 8.76
CA ASP B 271 26.51 -13.54 10.14
C ASP B 271 25.97 -14.96 10.25
N ILE B 272 25.36 -15.49 9.20
CA ILE B 272 24.74 -16.82 9.26
C ILE B 272 25.32 -17.73 8.20
N ILE B 273 26.60 -17.52 7.85
CA ILE B 273 27.19 -18.31 6.77
C ILE B 273 27.34 -19.78 7.15
N ARG B 274 27.60 -20.08 8.43
CA ARG B 274 27.77 -21.48 8.81
C ARG B 274 26.46 -22.25 8.72
N PHE B 275 25.33 -21.58 8.92
CA PHE B 275 24.06 -22.27 8.73
C PHE B 275 23.85 -22.67 7.27
N HIS B 276 24.33 -21.86 6.34
CA HIS B 276 24.06 -22.10 4.92
C HIS B 276 25.17 -22.88 4.22
N ALA B 277 26.41 -22.76 4.70
CA ALA B 277 27.56 -23.37 4.05
C ALA B 277 28.04 -24.64 4.74
N VAL B 278 27.54 -24.92 5.95
CA VAL B 278 27.91 -26.13 6.69
C VAL B 278 26.67 -26.95 6.95
N TYR B 279 25.76 -26.44 7.80
CA TYR B 279 24.62 -27.23 8.24
C TYR B 279 23.71 -27.57 7.07
N TRP B 280 23.32 -26.54 6.31
CA TRP B 280 22.39 -26.71 5.19
C TRP B 280 22.86 -27.75 4.17
N PRO B 281 24.06 -27.65 3.58
CA PRO B 281 24.46 -28.69 2.63
C PRO B 281 24.61 -30.07 3.27
N ALA B 282 24.98 -30.15 4.54
CA ALA B 282 25.05 -31.47 5.19
C ALA B 282 23.66 -32.07 5.34
N PHE B 283 22.67 -31.24 5.70
CA PHE B 283 21.26 -31.68 5.72
C PHE B 283 20.84 -32.26 4.37
N LEU B 284 21.17 -31.55 3.29
CA LEU B 284 20.70 -31.97 1.97
C LEU B 284 21.44 -33.22 1.49
N MET B 285 22.72 -33.34 1.81
CA MET B 285 23.46 -34.56 1.51
C MET B 285 22.81 -35.75 2.19
N SER B 286 22.48 -35.61 3.48
CA SER B 286 21.83 -36.69 4.23
C SER B 286 20.49 -37.05 3.61
N ALA B 287 19.73 -36.05 3.17
CA ALA B 287 18.40 -36.26 2.64
C ALA B 287 18.39 -36.66 1.17
N GLY B 288 19.55 -36.72 0.52
CA GLY B 288 19.61 -37.05 -0.89
C GLY B 288 19.06 -35.97 -1.80
N ILE B 289 19.18 -34.71 -1.41
CA ILE B 289 18.65 -33.58 -2.17
C ILE B 289 19.81 -32.81 -2.78
N GLU B 290 19.63 -32.36 -4.03
CA GLU B 290 20.67 -31.59 -4.71
C GLU B 290 21.01 -30.33 -3.91
N LEU B 291 22.31 -30.01 -3.87
CA LEU B 291 22.78 -28.87 -3.11
C LEU B 291 22.63 -27.58 -3.90
N PRO B 292 22.44 -26.44 -3.23
CA PRO B 292 22.41 -25.17 -3.94
C PRO B 292 23.72 -24.93 -4.67
N ARG B 293 23.65 -24.13 -5.74
CA ARG B 293 24.81 -23.95 -6.59
C ARG B 293 25.83 -22.98 -5.98
N ARG B 294 25.37 -21.99 -5.24
CA ARG B 294 26.26 -20.92 -4.82
C ARG B 294 25.64 -20.16 -3.66
N ILE B 295 26.49 -19.77 -2.71
CA ILE B 295 26.12 -18.96 -1.57
C ILE B 295 27.04 -17.75 -1.54
N PHE B 296 26.47 -16.55 -1.49
CA PHE B 296 27.24 -15.33 -1.41
C PHE B 296 26.90 -14.59 -0.12
N ALA B 297 27.91 -14.33 0.69
CA ALA B 297 27.74 -13.64 1.98
C ALA B 297 28.22 -12.20 1.82
N HIS B 298 27.30 -11.25 1.90
CA HIS B 298 27.65 -9.85 1.78
C HIS B 298 28.05 -9.28 3.14
N GLY B 299 28.60 -8.07 3.12
CA GLY B 299 29.00 -7.37 4.32
C GLY B 299 27.89 -6.48 4.86
N PHE B 300 28.24 -5.72 5.89
CA PHE B 300 27.30 -4.82 6.57
C PHE B 300 27.74 -3.38 6.39
N LEU B 301 26.77 -2.47 6.46
CA LEU B 301 26.99 -1.05 6.28
C LEU B 301 27.06 -0.34 7.64
N HIS B 302 27.84 0.73 7.69
CA HIS B 302 27.95 1.52 8.91
C HIS B 302 28.21 2.97 8.54
N ASN B 303 27.94 3.86 9.50
CA ASN B 303 28.23 5.28 9.35
C ASN B 303 29.65 5.58 9.80
N ARG B 304 30.28 6.54 9.11
CA ARG B 304 31.61 6.98 9.50
C ARG B 304 31.54 7.79 10.79
N ILE B 315 22.00 1.95 12.78
CA ILE B 315 22.54 1.29 11.59
C ILE B 315 22.08 2.04 10.35
N VAL B 316 22.77 1.83 9.23
CA VAL B 316 22.38 2.47 7.98
C VAL B 316 21.03 1.92 7.53
N ASP B 317 20.09 2.82 7.24
CA ASP B 317 18.71 2.48 6.92
C ASP B 317 18.43 2.90 5.48
N PRO B 318 18.59 1.99 4.52
CA PRO B 318 18.40 2.37 3.11
C PRO B 318 16.99 2.84 2.81
N VAL B 319 15.98 2.32 3.52
CA VAL B 319 14.61 2.77 3.30
C VAL B 319 14.48 4.25 3.64
N ALA B 320 14.97 4.65 4.81
CA ALA B 320 14.95 6.06 5.18
C ALA B 320 15.77 6.91 4.20
N LEU B 321 16.93 6.39 3.77
CA LEU B 321 17.74 7.13 2.81
C LEU B 321 16.99 7.33 1.49
N ALA B 322 16.28 6.31 1.04
CA ALA B 322 15.60 6.40 -0.26
C ALA B 322 14.48 7.42 -0.23
N GLU B 323 13.71 7.46 0.85
CA GLU B 323 12.63 8.43 0.95
C GLU B 323 13.15 9.85 1.01
N ALA B 324 14.33 10.05 1.59
CA ALA B 324 14.94 11.37 1.65
C ALA B 324 15.69 11.75 0.38
N LEU B 325 16.40 10.79 -0.23
CA LEU B 325 17.32 11.11 -1.32
C LEU B 325 16.87 10.60 -2.68
N GLY B 326 15.97 9.62 -2.73
CA GLY B 326 15.59 9.04 -4.02
C GLY B 326 16.02 7.59 -4.07
N VAL B 327 15.09 6.74 -4.53
CA VAL B 327 15.34 5.30 -4.53
C VAL B 327 16.53 4.94 -5.41
N ASP B 328 16.62 5.56 -6.59
CA ASP B 328 17.69 5.21 -7.51
C ASP B 328 19.02 5.81 -7.08
N GLN B 329 18.98 6.97 -6.43
CA GLN B 329 20.20 7.53 -5.85
C GLN B 329 20.77 6.58 -4.79
N VAL B 330 19.90 5.99 -3.97
CA VAL B 330 20.37 5.13 -2.89
C VAL B 330 20.81 3.77 -3.41
N ARG B 331 20.02 3.18 -4.31
CA ARG B 331 20.39 1.89 -4.92
C ARG B 331 21.75 2.00 -5.60
N TYR B 332 21.96 3.07 -6.37
CA TYR B 332 23.25 3.25 -7.05
C TYR B 332 24.39 3.38 -6.05
N PHE B 333 24.22 4.23 -5.04
CA PHE B 333 25.32 4.48 -4.11
C PHE B 333 25.72 3.21 -3.36
N LEU B 334 24.73 2.46 -2.87
CA LEU B 334 25.03 1.25 -2.12
C LEU B 334 25.69 0.18 -2.98
N LEU B 335 25.35 0.10 -4.25
CA LEU B 335 25.93 -0.93 -5.10
C LEU B 335 27.24 -0.51 -5.74
N ARG B 336 27.56 0.78 -5.75
CA ARG B 336 28.81 1.28 -6.33
C ARG B 336 29.87 1.56 -5.29
N GLU B 337 29.49 2.08 -4.13
CA GLU B 337 30.47 2.59 -3.17
C GLU B 337 31.22 1.45 -2.49
N VAL B 338 30.55 0.35 -2.20
CA VAL B 338 31.11 -0.74 -1.41
C VAL B 338 31.34 -1.94 -2.33
N PRO B 339 32.56 -2.46 -2.40
CA PRO B 339 32.77 -3.73 -3.10
C PRO B 339 31.94 -4.82 -2.46
N PHE B 340 31.10 -5.46 -3.25
CA PHE B 340 30.12 -6.38 -2.67
C PHE B 340 30.82 -7.56 -2.03
N GLY B 341 30.44 -7.85 -0.78
CA GLY B 341 31.12 -8.82 0.05
C GLY B 341 31.91 -8.18 1.17
N GLN B 342 32.34 -6.93 1.01
CA GLN B 342 33.03 -6.20 2.05
C GLN B 342 32.05 -5.41 2.91
N ASP B 343 32.51 -5.01 4.09
CA ASP B 343 31.78 -4.05 4.89
C ASP B 343 31.98 -2.64 4.33
N GLY B 344 30.94 -1.81 4.46
CA GLY B 344 30.96 -0.50 3.85
C GLY B 344 30.67 0.62 4.83
N SER B 345 31.10 1.82 4.44
CA SER B 345 30.92 3.05 5.22
C SER B 345 30.16 4.07 4.38
N TYR B 346 28.94 4.42 4.79
CA TYR B 346 28.12 5.41 4.11
C TYR B 346 28.24 6.73 4.88
N SER B 347 28.57 7.80 4.17
CA SER B 347 28.60 9.14 4.75
C SER B 347 27.82 10.08 3.86
N ASP B 348 27.39 11.19 4.46
CA ASP B 348 26.63 12.17 3.71
C ASP B 348 27.44 12.73 2.55
N GLU B 349 28.70 13.07 2.80
CA GLU B 349 29.53 13.62 1.73
C GLU B 349 29.77 12.59 0.62
N ALA B 350 29.94 11.31 0.99
CA ALA B 350 30.24 10.29 -0.01
C ALA B 350 29.05 10.02 -0.92
N ILE B 351 27.83 10.10 -0.40
CA ILE B 351 26.66 9.87 -1.24
C ILE B 351 26.30 11.14 -2.02
N VAL B 352 26.52 12.32 -1.44
CA VAL B 352 26.32 13.57 -2.18
C VAL B 352 27.21 13.60 -3.40
N THR B 353 28.47 13.17 -3.27
CA THR B 353 29.38 13.12 -4.41
C THR B 353 28.82 12.27 -5.54
N ARG B 354 28.27 11.10 -5.21
CA ARG B 354 27.79 10.21 -6.25
C ARG B 354 26.47 10.70 -6.83
N ILE B 355 25.65 11.39 -6.02
CA ILE B 355 24.42 11.94 -6.55
C ILE B 355 24.69 13.06 -7.54
N ASN B 356 25.66 13.93 -7.23
CA ASN B 356 25.93 15.10 -8.07
C ASN B 356 26.90 14.82 -9.20
N THR B 357 27.97 14.07 -8.94
CA THR B 357 28.98 13.80 -9.95
C THR B 357 28.59 12.63 -10.85
N ASP B 358 28.42 11.44 -10.26
CA ASP B 358 28.19 10.24 -11.06
C ASP B 358 26.85 10.33 -11.80
N LEU B 359 25.80 10.74 -11.10
CA LEU B 359 24.45 10.68 -11.66
C LEU B 359 24.04 11.97 -12.34
N ALA B 360 23.99 13.07 -11.59
CA ALA B 360 23.44 14.31 -12.13
C ALA B 360 24.31 14.86 -13.26
N ASN B 361 25.63 14.75 -13.12
CA ASN B 361 26.56 15.34 -14.08
C ASN B 361 27.06 14.35 -15.12
N GLU B 362 27.72 13.28 -14.67
CA GLU B 362 28.41 12.38 -15.61
C GLU B 362 27.43 11.68 -16.52
N LEU B 363 26.31 11.20 -15.98
CA LEU B 363 25.26 10.58 -16.79
C LEU B 363 24.15 11.56 -17.16
N GLY B 364 23.64 12.32 -16.20
CA GLY B 364 22.47 13.14 -16.46
C GLY B 364 22.73 14.23 -17.48
N ASN B 365 23.78 15.03 -17.26
CA ASN B 365 24.04 16.17 -18.14
C ASN B 365 24.54 15.75 -19.51
N LEU B 366 25.20 14.60 -19.60
CA LEU B 366 25.55 14.07 -20.93
C LEU B 366 24.30 13.75 -21.74
N ALA B 367 23.31 13.12 -21.11
CA ALA B 367 22.05 12.85 -21.79
C ALA B 367 21.30 14.14 -22.09
N GLN B 368 21.25 15.06 -21.13
CA GLN B 368 20.47 16.28 -21.30
C GLN B 368 21.04 17.16 -22.40
N ARG B 369 22.38 17.33 -22.41
CA ARG B 369 22.98 18.23 -23.40
C ARG B 369 22.80 17.69 -24.82
N SER B 370 22.87 16.37 -25.00
CA SER B 370 22.76 15.81 -26.34
C SER B 370 21.29 15.70 -26.77
N LEU B 371 20.41 15.32 -25.87
CA LEU B 371 18.99 15.26 -26.20
C LEU B 371 18.44 16.65 -26.48
N SER B 372 18.92 17.65 -25.75
CA SER B 372 18.47 19.03 -26.00
C SER B 372 18.86 19.50 -27.39
N MET B 373 20.01 19.04 -27.90
CA MET B 373 20.44 19.42 -29.23
C MET B 373 19.60 18.72 -30.31
N VAL B 374 19.16 17.49 -30.06
CA VAL B 374 18.26 16.81 -30.99
C VAL B 374 16.93 17.56 -31.05
N ALA B 375 16.45 18.06 -29.91
CA ALA B 375 15.15 18.73 -29.87
C ALA B 375 15.19 20.07 -30.58
N LYS B 376 16.20 20.89 -30.30
CA LYS B 376 16.26 22.26 -30.80
C LYS B 376 16.84 22.36 -32.20
N ASN B 377 17.74 21.45 -32.58
CA ASN B 377 18.44 21.57 -33.85
C ASN B 377 18.09 20.49 -34.87
N LEU B 378 17.57 19.34 -34.44
CA LEU B 378 17.30 18.24 -35.35
C LEU B 378 15.84 17.82 -35.35
N ASP B 379 14.93 18.73 -34.97
CA ASP B 379 13.48 18.51 -35.05
C ASP B 379 13.02 17.35 -34.17
N GLY B 380 13.73 17.11 -33.07
CA GLY B 380 13.36 16.03 -32.17
C GLY B 380 13.39 14.66 -32.81
N ARG B 381 14.31 14.46 -33.75
CA ARG B 381 14.39 13.23 -34.53
C ARG B 381 15.82 12.74 -34.51
N VAL B 382 16.01 11.44 -34.24
CA VAL B 382 17.37 10.88 -34.20
C VAL B 382 18.04 11.07 -35.56
N PRO B 383 19.22 11.69 -35.62
CA PRO B 383 19.85 11.95 -36.91
C PRO B 383 20.42 10.69 -37.53
N ASN B 384 20.51 10.70 -38.86
CA ASN B 384 21.17 9.63 -39.59
C ASN B 384 22.66 9.92 -39.66
N PRO B 385 23.50 9.11 -39.05
CA PRO B 385 24.93 9.43 -38.98
C PRO B 385 25.63 9.22 -40.30
N GLY B 386 26.74 9.94 -40.46
CA GLY B 386 27.65 9.70 -41.55
C GLY B 386 28.49 8.47 -41.28
N GLU B 387 29.52 8.30 -42.11
CA GLU B 387 30.44 7.19 -41.90
C GLU B 387 31.27 7.46 -40.65
N PHE B 388 31.42 6.45 -39.82
CA PHE B 388 32.03 6.63 -38.50
C PHE B 388 33.52 6.86 -38.63
N ALA B 389 34.00 7.93 -38.01
CA ALA B 389 35.42 8.20 -37.91
C ALA B 389 36.04 7.28 -36.85
N ASP B 390 37.37 7.27 -36.79
CA ASP B 390 38.07 6.44 -35.82
C ASP B 390 37.68 6.78 -34.38
N ALA B 391 37.43 8.06 -34.09
CA ALA B 391 36.96 8.44 -32.76
C ALA B 391 35.56 7.92 -32.48
N ASP B 392 34.67 7.98 -33.48
CA ASP B 392 33.32 7.44 -33.32
C ASP B 392 33.37 5.93 -33.09
N ALA B 393 34.11 5.21 -33.93
CA ALA B 393 34.17 3.75 -33.79
C ALA B 393 34.81 3.34 -32.48
N ALA B 394 35.75 4.13 -31.95
CA ALA B 394 36.38 3.78 -30.68
C ALA B 394 35.40 3.86 -29.53
N LEU B 395 34.53 4.87 -29.52
CA LEU B 395 33.55 4.98 -28.44
C LEU B 395 32.49 3.89 -28.56
N LEU B 396 32.02 3.64 -29.79
CA LEU B 396 31.03 2.59 -30.00
C LEU B 396 31.57 1.23 -29.62
N ALA B 397 32.86 0.98 -29.90
CA ALA B 397 33.45 -0.31 -29.56
C ALA B 397 33.48 -0.51 -28.05
N THR B 398 33.82 0.53 -27.29
CA THR B 398 33.81 0.42 -25.83
C THR B 398 32.40 0.15 -25.32
N ALA B 399 31.40 0.80 -25.91
CA ALA B 399 30.02 0.60 -25.49
C ALA B 399 29.52 -0.78 -25.87
N ASP B 400 29.84 -1.24 -27.08
CA ASP B 400 29.39 -2.57 -27.52
C ASP B 400 29.97 -3.69 -26.67
N GLY B 401 31.18 -3.50 -26.14
CA GLY B 401 31.78 -4.51 -25.29
C GLY B 401 31.35 -4.47 -23.84
N LEU B 402 30.45 -3.57 -23.45
CA LEU B 402 30.07 -3.42 -22.05
C LEU B 402 29.24 -4.61 -21.56
N LEU B 403 28.30 -5.08 -22.38
CA LEU B 403 27.37 -6.12 -21.93
C LEU B 403 28.10 -7.38 -21.48
N GLU B 404 29.09 -7.82 -22.26
CA GLU B 404 29.86 -9.00 -21.86
C GLU B 404 30.61 -8.75 -20.56
N ARG B 405 31.20 -7.57 -20.41
CA ARG B 405 31.96 -7.27 -19.21
C ARG B 405 31.04 -7.15 -18.00
N VAL B 406 29.89 -6.50 -18.16
CA VAL B 406 28.96 -6.35 -17.05
C VAL B 406 28.38 -7.70 -16.65
N ARG B 407 28.11 -8.57 -17.64
CA ARG B 407 27.56 -9.89 -17.34
C ARG B 407 28.53 -10.70 -16.49
N GLY B 408 29.82 -10.64 -16.81
CA GLY B 408 30.81 -11.35 -16.00
C GLY B 408 30.89 -10.85 -14.57
N HIS B 409 30.74 -9.54 -14.38
CA HIS B 409 30.75 -9.00 -13.02
C HIS B 409 29.51 -9.43 -12.24
N PHE B 410 28.34 -9.37 -12.87
CA PHE B 410 27.12 -9.81 -12.20
C PHE B 410 27.16 -11.31 -11.88
N ASP B 411 27.82 -12.11 -12.71
CA ASP B 411 27.94 -13.54 -12.41
C ASP B 411 28.82 -13.80 -11.20
N ALA B 412 29.72 -12.89 -10.85
CA ALA B 412 30.48 -12.97 -9.62
C ALA B 412 29.86 -12.16 -8.50
N GLN B 413 28.67 -11.59 -8.73
CA GLN B 413 28.01 -10.67 -7.79
C GLN B 413 28.94 -9.49 -7.46
N ALA B 414 29.66 -9.01 -8.46
CA ALA B 414 30.51 -7.84 -8.33
C ALA B 414 29.84 -6.67 -9.04
N MET B 415 28.69 -6.25 -8.51
CA MET B 415 27.93 -5.17 -9.13
C MET B 415 28.68 -3.85 -9.10
N HIS B 416 29.56 -3.64 -8.12
CA HIS B 416 30.35 -2.41 -8.11
C HIS B 416 31.26 -2.33 -9.32
N LEU B 417 31.81 -3.47 -9.77
CA LEU B 417 32.70 -3.47 -10.94
C LEU B 417 31.91 -3.31 -12.23
N ALA B 418 30.67 -3.82 -12.27
CA ALA B 418 29.83 -3.57 -13.43
C ALA B 418 29.51 -2.09 -13.56
N LEU B 419 29.17 -1.43 -12.44
CA LEU B 419 28.85 0.00 -12.51
C LEU B 419 30.09 0.83 -12.83
N GLU B 420 31.26 0.44 -12.30
CA GLU B 420 32.50 1.14 -12.64
C GLU B 420 32.80 1.02 -14.13
N ALA B 421 32.58 -0.17 -14.70
CA ALA B 421 32.83 -0.34 -16.14
C ALA B 421 31.90 0.54 -16.97
N ILE B 422 30.65 0.70 -16.54
CA ILE B 422 29.71 1.54 -17.27
C ILE B 422 30.11 3.01 -17.18
N TRP B 423 30.49 3.48 -15.98
CA TRP B 423 30.84 4.88 -15.83
C TRP B 423 32.22 5.20 -16.39
N LEU B 424 33.09 4.21 -16.54
CA LEU B 424 34.31 4.43 -17.31
C LEU B 424 33.98 4.72 -18.76
N MET B 425 32.98 4.04 -19.33
CA MET B 425 32.54 4.35 -20.67
C MET B 425 31.91 5.73 -20.74
N LEU B 426 31.08 6.08 -19.75
CA LEU B 426 30.49 7.41 -19.71
C LEU B 426 31.56 8.49 -19.56
N GLY B 427 32.70 8.18 -18.95
CA GLY B 427 33.82 9.10 -18.98
C GLY B 427 34.35 9.29 -20.39
N ASP B 428 34.48 8.21 -21.14
CA ASP B 428 34.93 8.32 -22.53
C ASP B 428 33.92 9.11 -23.37
N ALA B 429 32.63 8.93 -23.09
CA ALA B 429 31.60 9.60 -23.87
C ALA B 429 31.60 11.10 -23.60
N ASN B 430 31.78 11.50 -22.34
CA ASN B 430 31.87 12.92 -22.02
C ASN B 430 33.12 13.55 -22.62
N LYS B 431 34.24 12.82 -22.63
CA LYS B 431 35.44 13.29 -23.29
C LYS B 431 35.24 13.40 -24.80
N TYR B 432 34.63 12.37 -25.40
CA TYR B 432 34.31 12.41 -26.83
C TYR B 432 33.40 13.57 -27.16
N PHE B 433 32.41 13.84 -26.29
CA PHE B 433 31.46 14.92 -26.54
C PHE B 433 32.15 16.28 -26.50
N SER B 434 33.05 16.50 -25.55
CA SER B 434 33.74 17.77 -25.45
C SER B 434 34.73 17.97 -26.60
N VAL B 435 35.34 16.89 -27.08
CA VAL B 435 36.31 17.01 -28.16
C VAL B 435 35.63 17.34 -29.49
N GLN B 436 34.47 16.72 -29.75
CA GLN B 436 33.79 16.94 -31.03
C GLN B 436 33.14 18.31 -31.12
N GLN B 437 32.83 18.94 -29.99
CA GLN B 437 32.18 20.25 -29.97
C GLN B 437 30.97 20.31 -30.89
N PRO B 438 29.97 19.46 -30.69
CA PRO B 438 28.79 19.51 -31.57
C PRO B 438 28.07 20.85 -31.51
N TRP B 439 28.13 21.55 -30.37
CA TRP B 439 27.49 22.85 -30.28
C TRP B 439 28.14 23.87 -31.20
N VAL B 440 29.38 23.64 -31.64
CA VAL B 440 30.01 24.51 -32.62
C VAL B 440 29.56 24.14 -34.03
N LEU B 441 29.41 22.83 -34.29
CA LEU B 441 29.10 22.38 -35.65
C LEU B 441 27.69 22.75 -36.07
N ARG B 442 26.76 22.86 -35.12
CA ARG B 442 25.40 23.23 -35.48
C ARG B 442 25.32 24.64 -36.02
N LYS B 443 26.29 25.50 -35.69
CA LYS B 443 26.29 26.89 -36.15
C LYS B 443 26.71 27.03 -37.61
N SER B 444 27.39 26.03 -38.16
CA SER B 444 27.92 26.15 -39.51
C SER B 444 26.86 25.75 -40.54
N GLU B 445 26.69 26.59 -41.54
CA GLU B 445 25.86 26.28 -42.70
C GLU B 445 26.57 25.37 -43.69
N SER B 446 27.76 24.88 -43.33
CA SER B 446 28.53 24.02 -44.21
C SER B 446 27.84 22.67 -44.39
N GLU B 447 28.28 21.93 -45.41
CA GLU B 447 27.77 20.59 -45.68
C GLU B 447 28.52 19.53 -44.88
N ALA B 448 29.83 19.70 -44.71
CA ALA B 448 30.60 18.74 -43.94
C ALA B 448 30.32 18.89 -42.45
N ASP B 449 30.27 20.13 -41.95
CA ASP B 449 30.08 20.32 -40.51
C ASP B 449 28.74 19.77 -40.05
N GLN B 450 27.67 19.98 -40.84
CA GLN B 450 26.37 19.47 -40.47
C GLN B 450 26.35 17.95 -40.47
N ALA B 451 27.14 17.31 -41.35
CA ALA B 451 27.24 15.87 -41.35
C ALA B 451 27.95 15.37 -40.09
N ARG B 452 29.07 16.00 -39.74
CA ARG B 452 29.76 15.66 -38.50
C ARG B 452 28.90 15.95 -37.28
N PHE B 453 28.07 16.98 -37.35
CA PHE B 453 27.16 17.29 -36.25
C PHE B 453 26.16 16.17 -36.03
N ARG B 454 25.64 15.58 -37.10
CA ARG B 454 24.71 14.47 -36.96
C ARG B 454 25.40 13.22 -36.45
N THR B 455 26.64 12.97 -36.88
CA THR B 455 27.33 11.76 -36.46
C THR B 455 27.62 11.77 -34.97
N THR B 456 28.17 12.87 -34.46
CA THR B 456 28.57 12.91 -33.06
C THR B 456 27.36 12.85 -32.13
N LEU B 457 26.23 13.43 -32.55
CA LEU B 457 25.02 13.33 -31.73
C LEU B 457 24.45 11.92 -31.74
N TYR B 458 24.46 11.27 -32.91
CA TYR B 458 24.02 9.89 -32.97
C TYR B 458 24.86 8.99 -32.07
N VAL B 459 26.19 9.16 -32.12
CA VAL B 459 27.08 8.32 -31.33
C VAL B 459 26.85 8.53 -29.84
N THR B 460 26.70 9.79 -29.43
CA THR B 460 26.46 10.09 -28.02
C THR B 460 25.14 9.49 -27.55
N CYS B 461 24.08 9.68 -28.34
CA CYS B 461 22.79 9.07 -27.97
C CYS B 461 22.88 7.54 -27.96
N GLU B 462 23.64 6.96 -28.88
CA GLU B 462 23.72 5.51 -28.96
C GLU B 462 24.42 4.90 -27.73
N VAL B 463 25.47 5.55 -27.23
CA VAL B 463 26.14 4.99 -26.05
C VAL B 463 25.36 5.29 -24.78
N VAL B 464 24.61 6.40 -24.74
CA VAL B 464 23.72 6.63 -23.62
C VAL B 464 22.61 5.58 -23.60
N ARG B 465 22.10 5.22 -24.78
CA ARG B 465 21.10 4.16 -24.87
C ARG B 465 21.63 2.84 -24.31
N ILE B 466 22.85 2.45 -24.70
CA ILE B 466 23.44 1.22 -24.19
C ILE B 466 23.63 1.29 -22.69
N ALA B 467 24.15 2.40 -22.17
CA ALA B 467 24.34 2.54 -20.73
C ALA B 467 23.01 2.47 -19.98
N ALA B 468 21.99 3.15 -20.51
CA ALA B 468 20.68 3.14 -19.86
C ALA B 468 20.10 1.73 -19.84
N LEU B 469 20.30 0.96 -20.91
CA LEU B 469 19.82 -0.43 -20.91
C LEU B 469 20.50 -1.23 -19.82
N LEU B 470 21.82 -1.05 -19.66
CA LEU B 470 22.59 -1.86 -18.71
C LEU B 470 22.40 -1.41 -17.27
N ILE B 471 21.95 -0.17 -17.02
CA ILE B 471 21.76 0.26 -15.65
C ILE B 471 20.35 0.00 -15.15
N GLN B 472 19.46 -0.55 -15.97
CA GLN B 472 18.13 -0.93 -15.52
C GLN B 472 18.11 -1.77 -14.25
N PRO B 473 18.98 -2.77 -14.05
CA PRO B 473 18.94 -3.52 -12.78
C PRO B 473 19.27 -2.70 -11.55
N VAL B 474 20.07 -1.65 -11.70
CA VAL B 474 20.48 -0.85 -10.55
C VAL B 474 19.50 0.30 -10.28
N MET B 475 19.04 0.99 -11.33
CA MET B 475 18.14 2.13 -11.21
C MET B 475 16.99 1.96 -12.19
N PRO B 476 16.03 1.10 -11.87
CA PRO B 476 14.99 0.75 -12.87
C PRO B 476 14.23 1.96 -13.38
N GLU B 477 13.84 2.86 -12.50
CA GLU B 477 12.94 3.95 -12.89
C GLU B 477 13.68 5.04 -13.65
N SER B 478 14.83 5.48 -13.14
CA SER B 478 15.62 6.50 -13.82
C SER B 478 16.10 6.00 -15.18
N ALA B 479 16.54 4.75 -15.25
CA ALA B 479 16.95 4.18 -16.54
C ALA B 479 15.79 4.11 -17.51
N GLY B 480 14.61 3.76 -17.02
CA GLY B 480 13.43 3.77 -17.88
C GLY B 480 13.12 5.15 -18.42
N LYS B 481 13.32 6.19 -17.60
CA LYS B 481 13.08 7.56 -18.06
C LYS B 481 14.06 7.94 -19.16
N ILE B 482 15.34 7.57 -19.02
CA ILE B 482 16.32 7.87 -20.06
C ILE B 482 15.94 7.15 -21.35
N LEU B 483 15.50 5.89 -21.24
CA LEU B 483 15.10 5.15 -22.43
C LEU B 483 13.83 5.74 -23.04
N ASP B 484 12.94 6.31 -22.21
CA ASP B 484 11.80 7.06 -22.72
C ASP B 484 12.24 8.26 -23.54
N LEU B 485 13.22 9.02 -23.02
CA LEU B 485 13.72 10.18 -23.75
C LEU B 485 14.41 9.80 -25.06
N LEU B 486 14.89 8.57 -25.17
CA LEU B 486 15.49 8.08 -26.40
C LEU B 486 14.50 7.35 -27.29
N GLY B 487 13.20 7.48 -27.02
CA GLY B 487 12.17 6.91 -27.89
C GLY B 487 12.18 5.41 -27.98
N GLN B 488 12.65 4.72 -26.94
CA GLN B 488 12.68 3.26 -26.93
C GLN B 488 11.38 2.74 -26.33
N ALA B 489 10.62 1.99 -27.13
CA ALA B 489 9.39 1.40 -26.64
C ALA B 489 9.69 0.40 -25.53
N PRO B 490 8.75 0.18 -24.60
CA PRO B 490 9.01 -0.74 -23.49
C PRO B 490 9.34 -2.16 -23.92
N ASN B 491 8.97 -2.58 -25.13
CA ASN B 491 9.28 -3.92 -25.64
C ASN B 491 10.71 -4.06 -26.15
N GLN B 492 11.45 -2.97 -26.28
CA GLN B 492 12.80 -3.01 -26.83
C GLN B 492 13.82 -2.61 -25.79
N ARG B 493 13.70 -3.17 -24.58
CA ARG B 493 14.59 -2.80 -23.49
C ARG B 493 15.28 -3.97 -22.81
N SER B 494 15.21 -5.16 -23.41
CA SER B 494 15.98 -6.29 -22.91
C SER B 494 17.42 -6.19 -23.44
N PHE B 495 18.29 -7.06 -22.91
CA PHE B 495 19.68 -7.03 -23.34
C PHE B 495 19.85 -7.46 -24.80
N ALA B 496 18.84 -8.12 -25.39
CA ALA B 496 18.88 -8.39 -26.82
C ALA B 496 18.76 -7.13 -27.65
N ALA B 497 18.25 -6.04 -27.07
CA ALA B 497 18.19 -4.77 -27.78
C ALA B 497 19.50 -3.99 -27.72
N VAL B 498 20.45 -4.41 -26.88
CA VAL B 498 21.73 -3.72 -26.80
C VAL B 498 22.45 -3.78 -28.13
N GLY B 499 22.33 -4.90 -28.85
CA GLY B 499 22.96 -5.04 -30.14
C GLY B 499 22.18 -4.50 -31.31
N VAL B 500 21.08 -3.79 -31.06
CA VAL B 500 20.28 -3.18 -32.11
C VAL B 500 20.44 -1.67 -31.98
N ARG B 501 21.15 -1.08 -32.94
CA ARG B 501 21.48 0.35 -32.89
C ARG B 501 20.23 1.21 -32.81
N LEU B 502 20.38 2.38 -32.20
CA LEU B 502 19.34 3.40 -32.21
C LEU B 502 18.96 3.72 -33.65
N THR B 503 17.65 3.74 -33.91
CA THR B 503 17.15 3.86 -35.29
C THR B 503 17.10 5.34 -35.71
N PRO B 504 17.78 5.72 -36.79
CA PRO B 504 17.62 7.09 -37.29
C PRO B 504 16.18 7.33 -37.71
N GLY B 505 15.71 8.56 -37.45
CA GLY B 505 14.33 8.91 -37.71
C GLY B 505 13.39 8.69 -36.54
N THR B 506 13.87 8.08 -35.45
CA THR B 506 13.04 7.90 -34.27
C THR B 506 12.69 9.24 -33.65
N ALA B 507 11.42 9.41 -33.29
CA ALA B 507 10.96 10.65 -32.67
C ALA B 507 11.21 10.61 -31.16
N LEU B 508 11.78 11.69 -30.64
CA LEU B 508 12.11 11.78 -29.23
C LEU B 508 11.21 12.80 -28.53
N PRO B 509 10.68 12.47 -27.35
CA PRO B 509 9.90 13.44 -26.59
C PRO B 509 10.79 14.58 -26.10
N PRO B 510 10.21 15.73 -25.77
CA PRO B 510 11.01 16.84 -25.25
C PRO B 510 11.75 16.42 -23.98
N PRO B 511 13.04 16.75 -23.88
CA PRO B 511 13.83 16.26 -22.75
C PRO B 511 13.43 16.91 -21.45
N THR B 512 13.31 16.09 -20.41
CA THR B 512 13.09 16.56 -19.05
C THR B 512 14.14 15.95 -18.14
N GLY B 513 14.28 16.56 -16.96
CA GLY B 513 15.30 16.12 -16.02
C GLY B 513 15.01 14.74 -15.47
N VAL B 514 16.09 14.01 -15.18
CA VAL B 514 16.01 12.66 -14.64
C VAL B 514 16.76 12.54 -13.31
N PHE B 515 17.97 13.08 -13.26
CA PHE B 515 18.83 12.98 -12.09
C PHE B 515 19.03 14.37 -11.49
N PRO B 516 18.24 14.75 -10.50
CA PRO B 516 18.41 16.07 -9.88
C PRO B 516 19.64 16.08 -8.97
N ARG B 517 20.20 17.27 -8.80
CA ARG B 517 21.29 17.45 -7.85
C ARG B 517 20.77 17.33 -6.42
N TYR B 518 21.67 16.99 -5.50
CA TYR B 518 21.30 16.83 -4.11
C TYR B 518 20.76 18.13 -3.54
N GLN B 519 19.58 18.07 -2.93
CA GLN B 519 18.97 19.22 -2.30
C GLN B 519 19.16 19.13 -0.79
N PRO B 520 20.03 19.92 -0.18
CA PRO B 520 20.16 19.91 1.27
C PRO B 520 18.93 20.49 1.94
N PRO B 521 18.47 19.90 3.05
CA PRO B 521 17.30 20.40 3.79
C PRO B 521 17.61 21.62 4.64
#